data_6GXC
#
_entry.id   6GXC
#
_cell.length_a   83.810
_cell.length_b   116.540
_cell.length_c   173.890
_cell.angle_alpha   90.00
_cell.angle_beta   90.00
_cell.angle_gamma   90.00
#
_symmetry.space_group_name_H-M   'P 21 21 21'
#
loop_
_entity.id
_entity.type
_entity.pdbx_description
1 polymer 'Undecaprenyl-diphosphooligosaccharide--protein glycotransferase'
2 polymer GLY-ASP-GLN-DAB-ALA-THR-PPN-GLY
3 non-polymer 'MANGANESE (II) ION'
4 non-polymer 'SODIUM ION'
5 non-polymer '2-(N-MORPHOLINO)-ETHANESULFONIC ACID'
6 non-polymer DI(HYDROXYETHYL)ETHER
7 non-polymer '[(2~{R},3~{R},4~{R},5~{S},6~{R})-3-acetamido-6-(hydroxymethyl)-4,5-bis(oxidanyl)oxan-2-yl] [oxidanyl-[(2~{Z},6~{Z},10~{Z})-3,7,11,15-tetramethylhexadeca-2,6,10,14-tetraenoxy]phosphoryl] hydrogen phosphate'
#
loop_
_entity_poly.entity_id
_entity_poly.type
_entity_poly.pdbx_seq_one_letter_code
_entity_poly.pdbx_strand_id
1 'polypeptide(L)'
;MELQQNFTDNNSIKYTAILILIAFAFSVLARLYWVAWASEFYEFFFNDQLMITTNDGYAFAEGARDMIAGFHQPNDLSYF
GSSLSTLTYWLYSILPFSFESIILYMSTFFASLIVVPIILIAREYKLTTYGFIAALLGSIANSYYNRTMSGYYDTDMLVL
VLPMLILLTFIRLTINKDIFTLLLSPVFIMIYLWWYPSSYSLNFAMIGLFGLYTLVFHRKEKIFYLTIALMIIALSMLAW
QYKLALIVLLFAIFAFKEEKINFYMIWALIFISILILHLSGGLDPVLYQLKFYVFKASDVQNLKDAAFMYFNVNETIMEV
NTIDPEVFMQRISSSVLVFILSFIGFILLLKDHKSMLLALPMLALGFMALRAGLRFTIYAVPVMALGFGYFLYAFFNFLE
KKQIKLSLRNKNILLILIAFFSISPALMHIYYYKSSTVFTSYEASILNDLKNKAQREDYVVAWWDYGYPIRYYSDVKTLI
DGGKHLGKDNFFSSFVLSKEQIPAANMARLSVEYTEKSFKENYPDVLKAMVKDYQKTSAKDFLESLNDPNFKIDTPKTRD
VYIYMPYRMLRIMPVVAQFANTNPDNGEQEKSLFFSQANPLDQDKKQGSITLDNGVEISNDYRSLKIEGNSIPLKAFVDI
ESITNGKFYYNEIDSKAQIYLLYLREYKSYVILDESLYNSSYIQMFLLNQYDQDLFEQITNDTRAKIYRLKREFHHHHHH
HHHH
;
A
2 'polypeptide(L)' GDQ(DAB)AT(PPN)G B
#
# COMPACT_ATOMS: atom_id res chain seq x y z
N GLU A 2 -44.79 -0.88 12.00
CA GLU A 2 -43.38 -1.22 12.08
C GLU A 2 -42.51 0.04 11.94
N LEU A 3 -42.93 0.95 11.06
CA LEU A 3 -42.22 2.20 10.80
C LEU A 3 -42.72 3.40 11.57
N GLN A 4 -43.94 3.34 12.12
CA GLN A 4 -44.48 4.47 12.88
C GLN A 4 -43.72 4.73 14.18
N GLN A 5 -42.91 3.78 14.65
CA GLN A 5 -42.26 3.86 15.95
C GLN A 5 -41.06 4.80 15.92
N ASN A 6 -40.58 5.12 17.12
CA ASN A 6 -39.46 6.03 17.32
C ASN A 6 -38.14 5.27 17.47
N PHE A 7 -37.22 5.46 16.53
CA PHE A 7 -35.89 4.84 16.62
C PHE A 7 -34.80 5.77 17.13
N THR A 8 -34.98 7.08 16.98
CA THR A 8 -33.93 8.05 17.30
C THR A 8 -33.56 8.02 18.79
N ASP A 9 -34.57 8.02 19.66
CA ASP A 9 -34.32 8.02 21.11
C ASP A 9 -33.74 6.72 21.63
N ASN A 10 -33.82 5.64 20.87
CA ASN A 10 -33.40 4.33 21.36
C ASN A 10 -31.90 4.18 21.32
N ASN A 11 -31.32 3.85 22.49
CA ASN A 11 -29.90 3.60 22.66
C ASN A 11 -29.65 2.34 23.49
N SER A 12 -30.61 1.41 23.52
CA SER A 12 -30.45 0.19 24.31
C SER A 12 -29.33 -0.70 23.75
N ILE A 13 -28.78 -1.52 24.65
CA ILE A 13 -27.72 -2.46 24.26
C ILE A 13 -28.25 -3.48 23.26
N LYS A 14 -29.50 -3.92 23.43
CA LYS A 14 -30.06 -4.87 22.47
C LYS A 14 -30.18 -4.21 21.10
N TYR A 15 -30.70 -2.98 21.07
CA TYR A 15 -30.85 -2.24 19.82
C TYR A 15 -29.50 -1.93 19.18
N THR A 16 -28.51 -1.56 20.00
CA THR A 16 -27.19 -1.27 19.43
C THR A 16 -26.53 -2.55 18.93
N ALA A 17 -26.75 -3.67 19.61
CA ALA A 17 -26.21 -4.94 19.12
C ALA A 17 -26.86 -5.31 17.80
N ILE A 18 -28.18 -5.11 17.67
CA ILE A 18 -28.86 -5.42 16.42
C ILE A 18 -28.32 -4.52 15.32
N LEU A 19 -28.11 -3.24 15.62
CA LEU A 19 -27.57 -2.31 14.63
C LEU A 19 -26.14 -2.67 14.22
N ILE A 20 -25.27 -2.99 15.19
CA ILE A 20 -23.92 -3.42 14.85
C ILE A 20 -23.99 -4.63 13.93
N LEU A 21 -24.86 -5.59 14.23
CA LEU A 21 -24.96 -6.76 13.39
C LEU A 21 -25.42 -6.38 11.98
N ILE A 22 -26.39 -5.47 11.88
CA ILE A 22 -26.91 -5.10 10.56
C ILE A 22 -25.83 -4.42 9.74
N ALA A 23 -25.11 -3.45 10.34
CA ALA A 23 -24.05 -2.74 9.63
C ALA A 23 -22.88 -3.66 9.27
N PHE A 24 -22.45 -4.53 10.20
CA PHE A 24 -21.36 -5.45 9.89
C PHE A 24 -21.74 -6.38 8.74
N ALA A 25 -22.96 -6.94 8.79
CA ALA A 25 -23.44 -7.78 7.71
C ALA A 25 -23.54 -7.02 6.41
N PHE A 26 -23.87 -5.74 6.48
CA PHE A 26 -23.92 -4.91 5.29
C PHE A 26 -22.53 -4.74 4.69
N SER A 27 -21.55 -4.47 5.55
CA SER A 27 -20.17 -4.27 5.08
C SER A 27 -19.66 -5.52 4.39
N VAL A 28 -19.86 -6.69 5.02
CA VAL A 28 -19.39 -7.94 4.41
C VAL A 28 -20.13 -8.19 3.10
N LEU A 29 -21.46 -8.26 3.17
CA LEU A 29 -22.23 -8.39 1.95
C LEU A 29 -21.75 -7.47 0.83
N ALA A 30 -21.50 -6.20 1.15
CA ALA A 30 -21.11 -5.26 0.10
C ALA A 30 -19.76 -5.61 -0.49
N ARG A 31 -18.82 -6.08 0.33
CA ARG A 31 -17.58 -6.46 -0.32
C ARG A 31 -17.60 -7.88 -0.85
N LEU A 32 -18.77 -8.53 -0.87
CA LEU A 32 -18.91 -9.81 -1.56
C LEU A 32 -19.20 -9.73 -3.08
N TYR A 33 -19.63 -8.57 -3.58
CA TYR A 33 -19.97 -8.45 -5.01
C TYR A 33 -18.78 -8.70 -5.92
N TRP A 34 -17.61 -8.13 -5.58
CA TRP A 34 -16.43 -8.36 -6.40
C TRP A 34 -16.11 -9.84 -6.46
N VAL A 35 -16.27 -10.56 -5.34
CA VAL A 35 -16.02 -12.01 -5.38
C VAL A 35 -16.96 -12.67 -6.38
N ALA A 36 -18.24 -12.27 -6.30
CA ALA A 36 -19.21 -12.79 -7.25
C ALA A 36 -18.81 -12.49 -8.69
N TRP A 37 -18.30 -11.29 -8.94
CA TRP A 37 -17.93 -10.88 -10.28
C TRP A 37 -16.68 -11.61 -10.77
N ALA A 38 -15.59 -11.52 -9.98
CA ALA A 38 -14.29 -12.07 -10.35
C ALA A 38 -14.33 -13.58 -10.52
N SER A 39 -15.22 -14.27 -9.80
CA SER A 39 -15.21 -15.72 -9.84
C SER A 39 -15.56 -16.27 -11.22
N GLU A 40 -16.09 -15.47 -12.12
CA GLU A 40 -16.53 -15.93 -13.43
C GLU A 40 -15.42 -15.87 -14.48
N PHE A 41 -14.19 -15.53 -14.10
CA PHE A 41 -13.05 -15.43 -15.00
C PHE A 41 -11.97 -16.42 -14.56
N TYR A 42 -11.66 -17.40 -15.43
CA TYR A 42 -10.66 -18.42 -15.08
C TYR A 42 -9.32 -17.79 -14.79
N GLU A 43 -9.08 -16.59 -15.33
CA GLU A 43 -7.79 -15.92 -15.22
C GLU A 43 -7.43 -15.55 -13.79
N PHE A 44 -8.40 -15.55 -12.86
CA PHE A 44 -8.18 -15.02 -11.52
C PHE A 44 -7.96 -16.09 -10.46
N PHE A 45 -7.92 -17.36 -10.82
CA PHE A 45 -7.85 -18.41 -9.82
C PHE A 45 -6.45 -19.00 -9.77
N PHE A 46 -6.16 -19.64 -8.63
CA PHE A 46 -4.99 -20.50 -8.49
C PHE A 46 -5.26 -21.38 -7.29
N ASN A 47 -5.00 -22.69 -7.41
CA ASN A 47 -5.26 -23.60 -6.30
C ASN A 47 -6.73 -23.56 -5.90
N ASP A 48 -7.60 -23.44 -6.90
CA ASP A 48 -9.06 -23.51 -6.72
C ASP A 48 -9.66 -22.30 -5.99
N GLN A 49 -8.90 -21.21 -5.82
CA GLN A 49 -9.38 -20.00 -5.15
C GLN A 49 -8.91 -18.74 -5.86
N LEU A 50 -9.69 -17.66 -5.70
CA LEU A 50 -9.24 -16.36 -6.22
C LEU A 50 -7.91 -15.96 -5.58
N MET A 51 -7.21 -15.06 -6.25
CA MET A 51 -5.93 -14.59 -5.78
C MET A 51 -6.06 -13.24 -5.09
N ILE A 52 -5.03 -12.94 -4.30
CA ILE A 52 -4.86 -11.67 -3.61
C ILE A 52 -4.90 -10.51 -4.62
N THR A 53 -5.08 -9.31 -4.12
CA THR A 53 -5.47 -8.19 -4.98
C THR A 53 -4.62 -6.94 -4.81
N THR A 54 -3.63 -6.95 -3.94
CA THR A 54 -2.54 -5.99 -3.88
C THR A 54 -1.22 -6.73 -3.89
N ASN A 55 -0.21 -6.13 -4.52
CA ASN A 55 1.14 -6.67 -4.43
C ASN A 55 1.58 -6.97 -2.99
N ASP A 56 1.21 -6.11 -2.03
CA ASP A 56 1.80 -6.28 -0.71
C ASP A 56 1.24 -7.47 0.02
N GLY A 57 0.05 -7.92 -0.34
CA GLY A 57 -0.48 -9.08 0.34
C GLY A 57 0.42 -10.28 0.17
N TYR A 58 1.09 -10.39 -1.00
CA TYR A 58 1.94 -11.57 -1.15
C TYR A 58 3.11 -11.54 -0.20
N ALA A 59 3.48 -10.35 0.28
CA ALA A 59 4.54 -10.31 1.27
C ALA A 59 4.06 -10.99 2.54
N PHE A 60 2.93 -10.53 3.09
CA PHE A 60 2.42 -11.23 4.26
C PHE A 60 2.01 -12.65 3.92
N ALA A 61 1.63 -12.91 2.67
CA ALA A 61 1.23 -14.27 2.37
C ALA A 61 2.42 -15.18 2.44
N GLU A 62 3.56 -14.75 1.90
CA GLU A 62 4.77 -15.54 2.06
C GLU A 62 5.06 -15.74 3.54
N GLY A 63 4.97 -14.65 4.30
CA GLY A 63 5.28 -14.76 5.72
C GLY A 63 4.35 -15.73 6.41
N ALA A 64 3.06 -15.66 6.10
CA ALA A 64 2.14 -16.61 6.71
C ALA A 64 2.52 -18.03 6.33
N ARG A 65 2.72 -18.28 5.04
CA ARG A 65 3.14 -19.59 4.60
C ARG A 65 4.39 -20.06 5.34
N ASP A 66 5.35 -19.16 5.55
CA ASP A 66 6.58 -19.67 6.14
C ASP A 66 6.37 -19.96 7.62
N MET A 67 5.59 -19.14 8.32
CA MET A 67 5.23 -19.50 9.68
C MET A 67 4.52 -20.85 9.71
N ILE A 68 3.61 -21.10 8.77
CA ILE A 68 2.95 -22.40 8.76
C ILE A 68 3.99 -23.50 8.55
N ALA A 69 4.90 -23.29 7.59
CA ALA A 69 5.95 -24.28 7.35
C ALA A 69 6.95 -24.35 8.50
N GLY A 70 7.12 -23.28 9.24
CA GLY A 70 7.97 -23.26 10.41
C GLY A 70 9.37 -22.76 10.16
N PHE A 71 9.62 -22.15 9.00
CA PHE A 71 10.96 -21.65 8.75
C PHE A 71 10.95 -20.84 7.46
N HIS A 72 12.00 -20.04 7.29
CA HIS A 72 12.34 -19.46 6.01
C HIS A 72 13.84 -19.60 5.81
N GLN A 73 14.31 -19.12 4.72
CA GLN A 73 15.75 -19.15 4.56
C GLN A 73 16.39 -17.95 5.20
N PRO A 74 17.65 -18.06 5.62
CA PRO A 74 18.36 -16.88 6.14
C PRO A 74 18.55 -15.85 5.03
N ASN A 75 17.92 -14.69 5.21
CA ASN A 75 18.01 -13.48 4.38
C ASN A 75 17.19 -13.46 3.11
N ASP A 76 16.25 -14.38 2.88
CA ASP A 76 15.09 -13.95 2.12
C ASP A 76 14.34 -13.05 3.09
N LEU A 77 13.82 -11.94 2.62
CA LEU A 77 13.33 -10.95 3.58
C LEU A 77 11.87 -11.26 3.93
N SER A 78 11.67 -12.48 4.40
CA SER A 78 10.34 -13.01 4.66
C SER A 78 9.66 -12.30 5.83
N TYR A 79 8.39 -11.95 5.66
CA TYR A 79 7.63 -11.34 6.75
C TYR A 79 7.24 -12.36 7.82
N PHE A 80 8.10 -13.36 8.00
CA PHE A 80 7.99 -14.28 9.11
C PHE A 80 7.88 -13.52 10.44
N GLY A 81 6.83 -13.84 11.19
CA GLY A 81 6.53 -13.23 12.47
C GLY A 81 5.80 -11.91 12.42
N SER A 82 5.59 -11.34 11.25
CA SER A 82 4.82 -10.10 11.17
C SER A 82 3.39 -10.32 11.67
N SER A 83 2.73 -9.20 11.96
CA SER A 83 1.41 -9.25 12.58
C SER A 83 0.38 -9.91 11.67
N LEU A 84 0.18 -9.35 10.47
CA LEU A 84 -0.80 -9.96 9.58
C LEU A 84 -0.41 -11.39 9.21
N SER A 85 0.88 -11.68 9.08
CA SER A 85 1.28 -13.07 8.84
C SER A 85 0.90 -13.95 10.02
N THR A 86 1.06 -13.42 11.23
CA THR A 86 0.81 -14.21 12.44
C THR A 86 -0.68 -14.44 12.66
N LEU A 87 -1.50 -13.42 12.43
CA LEU A 87 -2.94 -13.61 12.54
C LEU A 87 -3.44 -14.58 11.45
N THR A 88 -2.88 -14.48 10.24
CA THR A 88 -3.23 -15.44 9.21
C THR A 88 -2.89 -16.86 9.64
N TYR A 89 -1.73 -17.04 10.27
CA TYR A 89 -1.27 -18.35 10.71
C TYR A 89 -2.14 -18.93 11.84
N TRP A 90 -2.54 -18.10 12.80
CA TRP A 90 -3.46 -18.54 13.83
C TRP A 90 -4.78 -18.97 13.22
N LEU A 91 -5.39 -18.12 12.40
CA LEU A 91 -6.67 -18.45 11.79
C LEU A 91 -6.56 -19.70 10.91
N TYR A 92 -5.46 -19.84 10.15
CA TYR A 92 -5.25 -21.05 9.35
C TYR A 92 -5.19 -22.29 10.23
N SER A 93 -4.50 -22.20 11.36
CA SER A 93 -4.38 -23.37 12.25
C SER A 93 -5.70 -23.69 12.97
N ILE A 94 -6.63 -22.73 13.05
CA ILE A 94 -7.83 -22.89 13.84
C ILE A 94 -9.07 -23.22 12.99
N LEU A 95 -9.06 -22.89 11.71
CA LEU A 95 -10.20 -22.97 10.83
C LEU A 95 -10.08 -24.11 9.80
N PRO A 96 -11.13 -24.45 9.09
CA PRO A 96 -11.12 -25.57 8.14
C PRO A 96 -10.96 -25.17 6.68
N PHE A 97 -10.81 -23.88 6.39
CA PHE A 97 -10.78 -23.37 5.03
C PHE A 97 -9.36 -23.34 4.48
N SER A 98 -9.29 -23.41 3.15
CA SER A 98 -8.00 -23.37 2.47
C SER A 98 -7.27 -22.05 2.72
N PHE A 99 -5.95 -22.14 2.69
CA PHE A 99 -5.10 -20.95 2.87
C PHE A 99 -5.54 -19.81 1.95
N GLU A 100 -5.76 -20.09 0.67
CA GLU A 100 -6.10 -19.04 -0.27
C GLU A 100 -7.44 -18.38 0.08
N SER A 101 -8.36 -19.14 0.65
CA SER A 101 -9.65 -18.59 1.01
C SER A 101 -9.52 -17.65 2.20
N ILE A 102 -8.73 -18.07 3.20
CA ILE A 102 -8.45 -17.25 4.37
C ILE A 102 -7.85 -15.91 3.95
N ILE A 103 -6.78 -15.96 3.15
CA ILE A 103 -6.11 -14.77 2.66
C ILE A 103 -7.02 -13.91 1.79
N LEU A 104 -7.98 -14.54 1.10
CA LEU A 104 -8.94 -13.77 0.32
C LEU A 104 -9.89 -12.99 1.22
N TYR A 105 -10.34 -13.58 2.33
CA TYR A 105 -11.50 -13.03 3.02
C TYR A 105 -11.20 -12.29 4.31
N MET A 106 -9.98 -12.38 4.83
CA MET A 106 -9.65 -11.73 6.12
C MET A 106 -9.96 -10.25 6.11
N SER A 107 -9.49 -9.54 5.08
CA SER A 107 -9.77 -8.11 4.97
C SER A 107 -11.26 -7.85 4.95
N THR A 108 -12.00 -8.68 4.22
CA THR A 108 -13.45 -8.54 4.17
C THR A 108 -14.07 -8.60 5.55
N PHE A 109 -13.49 -9.42 6.42
CA PHE A 109 -14.03 -9.51 7.78
C PHE A 109 -13.57 -8.34 8.65
N PHE A 110 -12.26 -8.16 8.78
CA PHE A 110 -11.78 -7.27 9.84
C PHE A 110 -12.03 -5.81 9.50
N ALA A 111 -11.90 -5.42 8.23
CA ALA A 111 -12.18 -4.03 7.88
C ALA A 111 -13.61 -3.67 8.21
N SER A 112 -14.51 -4.66 8.24
CA SER A 112 -15.91 -4.39 8.57
C SER A 112 -16.11 -4.13 10.06
N LEU A 113 -15.18 -4.55 10.92
CA LEU A 113 -15.20 -4.19 12.35
C LEU A 113 -15.27 -2.68 12.59
N ILE A 114 -14.87 -1.87 11.60
CA ILE A 114 -14.87 -0.41 11.74
C ILE A 114 -16.27 0.08 12.07
N VAL A 115 -17.28 -0.74 11.75
CA VAL A 115 -18.67 -0.39 12.03
C VAL A 115 -18.91 -0.28 13.53
N VAL A 116 -18.23 -1.11 14.33
CA VAL A 116 -18.40 -1.13 15.78
C VAL A 116 -18.08 0.24 16.38
N PRO A 117 -16.82 0.71 16.31
CA PRO A 117 -16.50 1.97 17.00
C PRO A 117 -17.28 3.14 16.46
N ILE A 118 -17.65 3.13 15.18
CA ILE A 118 -18.36 4.27 14.64
C ILE A 118 -19.67 4.48 15.38
N ILE A 119 -20.45 3.41 15.55
CA ILE A 119 -21.77 3.57 16.15
C ILE A 119 -21.72 3.53 17.67
N LEU A 120 -20.65 2.98 18.26
CA LEU A 120 -20.44 3.16 19.71
C LEU A 120 -20.00 4.57 20.08
N ILE A 121 -19.19 5.22 19.24
CA ILE A 121 -18.87 6.63 19.47
C ILE A 121 -20.13 7.46 19.32
N ALA A 122 -20.88 7.22 18.23
CA ALA A 122 -22.15 7.92 18.07
C ALA A 122 -23.08 7.67 19.25
N ARG A 123 -23.02 6.48 19.86
CA ARG A 123 -23.88 6.16 20.99
C ARG A 123 -23.46 6.88 22.26
N GLU A 124 -22.14 7.03 22.48
CA GLU A 124 -21.68 7.81 23.62
C GLU A 124 -22.27 9.20 23.63
N TYR A 125 -22.69 9.70 22.48
CA TYR A 125 -23.37 10.98 22.36
C TYR A 125 -24.88 10.79 22.26
N LYS A 126 -25.36 9.56 22.49
CA LYS A 126 -26.78 9.26 22.42
C LYS A 126 -27.33 9.46 21.01
N LEU A 127 -26.58 8.99 20.00
CA LEU A 127 -26.92 9.16 18.59
C LEU A 127 -26.79 7.85 17.83
N THR A 128 -27.13 6.74 18.50
CA THR A 128 -26.85 5.40 17.98
C THR A 128 -27.41 5.21 16.57
N THR A 129 -28.61 5.69 16.30
CA THR A 129 -29.18 5.49 14.97
C THR A 129 -28.36 6.25 13.91
N TYR A 130 -28.06 7.53 14.18
CA TYR A 130 -27.13 8.27 13.31
C TYR A 130 -25.76 7.61 13.25
N GLY A 131 -25.30 7.03 14.36
CA GLY A 131 -24.12 6.17 14.32
C GLY A 131 -24.26 5.04 13.31
N PHE A 132 -25.42 4.38 13.29
CA PHE A 132 -25.69 3.31 12.35
C PHE A 132 -25.55 3.78 10.91
N ILE A 133 -26.20 4.90 10.57
CA ILE A 133 -26.02 5.41 9.21
C ILE A 133 -24.55 5.72 8.93
N ALA A 134 -23.89 6.43 9.86
CA ALA A 134 -22.50 6.79 9.67
C ALA A 134 -21.62 5.55 9.46
N ALA A 135 -21.93 4.46 10.16
CA ALA A 135 -21.13 3.24 10.01
C ALA A 135 -21.37 2.59 8.65
N LEU A 136 -22.62 2.64 8.17
CA LEU A 136 -22.88 2.18 6.80
C LEU A 136 -22.03 2.96 5.80
N LEU A 137 -22.09 4.29 5.87
CA LEU A 137 -21.28 5.10 4.94
C LEU A 137 -19.79 4.81 5.08
N GLY A 138 -19.28 4.85 6.32
CA GLY A 138 -17.87 4.71 6.58
C GLY A 138 -17.32 3.34 6.23
N SER A 139 -18.16 2.31 6.23
CA SER A 139 -17.66 0.97 5.95
C SER A 139 -17.41 0.71 4.47
N ILE A 140 -18.06 1.46 3.57
CA ILE A 140 -17.88 1.18 2.16
C ILE A 140 -17.47 2.42 1.35
N ALA A 141 -17.17 3.54 2.02
CA ALA A 141 -16.74 4.75 1.32
C ALA A 141 -15.50 4.48 0.47
N ASN A 142 -15.49 5.06 -0.75
CA ASN A 142 -14.51 4.79 -1.80
C ASN A 142 -13.10 4.34 -1.44
N SER A 143 -12.31 5.20 -0.80
CA SER A 143 -10.92 4.82 -0.56
C SER A 143 -10.83 3.72 0.50
N TYR A 144 -11.69 3.76 1.52
CA TYR A 144 -11.66 2.70 2.53
C TYR A 144 -11.98 1.34 1.92
N TYR A 145 -13.00 1.28 1.07
CA TYR A 145 -13.29 0.04 0.34
C TYR A 145 -12.08 -0.41 -0.46
N ASN A 146 -11.47 0.52 -1.20
CA ASN A 146 -10.37 0.18 -2.09
C ASN A 146 -9.31 -0.67 -1.40
N ARG A 147 -8.92 -0.31 -0.18
CA ARG A 147 -7.83 -0.99 0.51
C ARG A 147 -8.31 -2.04 1.50
N THR A 148 -9.60 -2.43 1.41
CA THR A 148 -10.11 -3.45 2.30
C THR A 148 -11.13 -4.34 1.61
N MET A 149 -11.17 -4.33 0.28
CA MET A 149 -12.09 -5.23 -0.41
C MET A 149 -11.60 -6.66 -0.28
N SER A 150 -12.48 -7.61 -0.61
CA SER A 150 -12.05 -8.98 -0.71
C SER A 150 -10.73 -9.03 -1.49
N GLY A 151 -9.76 -9.75 -0.98
CA GLY A 151 -8.51 -9.88 -1.68
C GLY A 151 -7.50 -8.80 -1.41
N TYR A 152 -7.88 -7.72 -0.73
CA TYR A 152 -6.91 -6.70 -0.34
C TYR A 152 -6.20 -7.16 0.94
N TYR A 153 -5.39 -8.19 0.77
CA TYR A 153 -4.78 -8.91 1.90
C TYR A 153 -3.59 -8.10 2.43
N ASP A 154 -3.90 -7.05 3.16
CA ASP A 154 -2.88 -6.12 3.60
C ASP A 154 -3.18 -5.61 5.00
N THR A 155 -2.22 -4.86 5.54
CA THR A 155 -2.34 -4.24 6.83
C THR A 155 -3.40 -3.13 6.90
N ASP A 156 -3.92 -2.64 5.79
CA ASP A 156 -4.94 -1.61 5.91
C ASP A 156 -6.20 -2.10 6.63
N MET A 157 -6.41 -3.41 6.70
CA MET A 157 -7.71 -3.92 7.14
C MET A 157 -8.04 -3.64 8.59
N LEU A 158 -7.04 -3.27 9.42
CA LEU A 158 -7.32 -2.88 10.80
C LEU A 158 -6.70 -1.52 11.16
N VAL A 159 -6.29 -0.75 10.15
CA VAL A 159 -5.43 0.39 10.43
C VAL A 159 -6.24 1.63 10.86
N LEU A 160 -7.56 1.65 10.63
CA LEU A 160 -8.42 2.64 11.28
C LEU A 160 -9.27 2.07 12.41
N VAL A 161 -9.59 0.77 12.38
CA VAL A 161 -10.35 0.15 13.48
C VAL A 161 -9.63 0.37 14.82
N LEU A 162 -8.32 0.14 14.86
CA LEU A 162 -7.64 0.29 16.14
C LEU A 162 -7.65 1.75 16.57
N PRO A 163 -7.20 2.71 15.75
CA PRO A 163 -7.30 4.12 16.17
C PRO A 163 -8.72 4.59 16.49
N MET A 164 -9.74 4.07 15.79
CA MET A 164 -11.11 4.45 16.15
C MET A 164 -11.49 3.89 17.51
N LEU A 165 -11.05 2.67 17.85
CA LEU A 165 -11.30 2.13 19.19
C LEU A 165 -10.58 2.96 20.26
N ILE A 166 -9.34 3.37 19.99
CA ILE A 166 -8.68 4.31 20.91
C ILE A 166 -9.49 5.59 21.08
N LEU A 167 -10.02 6.14 19.97
CA LEU A 167 -10.86 7.33 20.10
C LEU A 167 -12.07 7.06 20.99
N LEU A 168 -12.80 5.97 20.72
CA LEU A 168 -13.93 5.57 21.56
C LEU A 168 -13.53 5.54 23.02
N THR A 169 -12.36 4.94 23.30
CA THR A 169 -11.83 4.87 24.65
C THR A 169 -11.69 6.27 25.27
N PHE A 170 -11.11 7.21 24.53
CA PHE A 170 -10.98 8.57 25.07
C PHE A 170 -12.35 9.18 25.34
N ILE A 171 -13.34 8.93 24.46
CA ILE A 171 -14.66 9.51 24.65
C ILE A 171 -15.29 8.99 25.94
N ARG A 172 -15.30 7.67 26.11
CA ARG A 172 -15.86 7.11 27.34
C ARG A 172 -15.19 7.69 28.57
N LEU A 173 -13.87 7.92 28.51
CA LEU A 173 -13.22 8.59 29.62
C LEU A 173 -13.74 10.00 29.83
N THR A 174 -13.99 10.74 28.76
CA THR A 174 -14.41 12.13 28.92
C THR A 174 -15.85 12.24 29.45
N ILE A 175 -16.68 11.24 29.19
CA ILE A 175 -18.11 11.32 29.56
C ILE A 175 -18.41 10.64 30.89
N ASN A 176 -17.91 9.42 31.11
CA ASN A 176 -18.26 8.66 32.30
C ASN A 176 -17.11 8.50 33.28
N LYS A 177 -15.95 9.09 32.98
CA LYS A 177 -14.73 8.89 33.76
C LYS A 177 -14.43 7.40 33.95
N ASP A 178 -14.86 6.58 32.99
CA ASP A 178 -14.69 5.13 33.06
C ASP A 178 -13.25 4.75 33.43
N ILE A 179 -13.10 4.07 34.58
CA ILE A 179 -11.78 3.66 35.04
C ILE A 179 -11.20 2.57 34.13
N PHE A 180 -12.06 1.84 33.39
CA PHE A 180 -11.56 0.81 32.50
C PHE A 180 -10.77 1.40 31.34
N THR A 181 -10.95 2.69 31.05
CA THR A 181 -10.07 3.37 30.11
C THR A 181 -8.61 3.23 30.53
N LEU A 182 -8.32 3.37 31.82
CA LEU A 182 -6.94 3.23 32.28
C LEU A 182 -6.31 1.93 31.78
N LEU A 183 -7.13 0.92 31.50
CA LEU A 183 -6.60 -0.32 30.95
C LEU A 183 -6.63 -0.34 29.42
N LEU A 184 -7.73 0.12 28.81
CA LEU A 184 -7.96 -0.17 27.41
C LEU A 184 -7.19 0.77 26.49
N SER A 185 -7.18 2.05 26.78
CA SER A 185 -6.36 2.98 26.03
C SER A 185 -4.95 2.45 25.76
N PRO A 186 -4.21 2.05 26.79
CA PRO A 186 -2.86 1.50 26.56
C PRO A 186 -2.85 0.20 25.80
N VAL A 187 -3.68 -0.77 26.24
CA VAL A 187 -3.71 -2.07 25.57
C VAL A 187 -3.93 -1.89 24.07
N PHE A 188 -4.92 -1.08 23.71
CA PHE A 188 -5.18 -0.86 22.29
C PHE A 188 -3.97 -0.26 21.60
N ILE A 189 -3.34 0.75 22.21
CA ILE A 189 -2.13 1.29 21.59
C ILE A 189 -1.14 0.15 21.33
N MET A 190 -0.96 -0.73 22.32
CA MET A 190 -0.04 -1.83 22.10
C MET A 190 -0.48 -2.64 20.90
N ILE A 191 -1.75 -3.04 20.86
CA ILE A 191 -2.21 -3.81 19.72
C ILE A 191 -1.95 -3.06 18.43
N TYR A 192 -2.24 -1.77 18.41
CA TYR A 192 -2.02 -0.98 17.20
C TYR A 192 -0.55 -0.97 16.86
N LEU A 193 0.29 -0.72 17.85
CA LEU A 193 1.71 -0.70 17.57
C LEU A 193 2.18 -2.08 17.11
N TRP A 194 1.57 -3.16 17.63
CA TRP A 194 1.98 -4.49 17.20
C TRP A 194 1.48 -4.80 15.81
N TRP A 195 0.33 -4.27 15.45
CA TRP A 195 -0.24 -4.63 14.17
C TRP A 195 0.30 -3.80 13.03
N TYR A 196 0.75 -2.59 13.30
CA TYR A 196 1.14 -1.67 12.24
C TYR A 196 2.13 -0.70 12.87
N PRO A 197 3.41 -1.02 12.86
CA PRO A 197 4.39 -0.19 13.58
C PRO A 197 4.41 1.25 13.13
N SER A 198 4.14 1.53 11.85
CA SER A 198 4.02 2.91 11.40
C SER A 198 2.93 3.66 12.16
N SER A 199 1.96 2.93 12.72
CA SER A 199 0.94 3.56 13.53
C SER A 199 1.55 4.42 14.60
N TYR A 200 2.81 4.18 14.93
CA TYR A 200 3.54 5.03 15.87
C TYR A 200 3.20 6.50 15.70
N SER A 201 3.27 7.00 14.46
CA SER A 201 3.10 8.43 14.25
C SER A 201 1.73 8.87 14.75
N LEU A 202 0.67 8.21 14.28
CA LEU A 202 -0.66 8.55 14.76
C LEU A 202 -0.73 8.47 16.29
N ASN A 203 -0.25 7.37 16.86
CA ASN A 203 -0.29 7.22 18.30
C ASN A 203 0.37 8.42 18.97
N PHE A 204 1.58 8.75 18.51
CA PHE A 204 2.31 9.89 19.08
C PHE A 204 1.47 11.16 18.99
N ALA A 205 0.83 11.39 17.84
CA ALA A 205 -0.01 12.58 17.72
C ALA A 205 -1.19 12.50 18.68
N MET A 206 -1.90 11.36 18.67
CA MET A 206 -3.11 11.25 19.46
C MET A 206 -2.81 11.37 20.95
N ILE A 207 -1.85 10.56 21.43
CA ILE A 207 -1.41 10.69 22.82
C ILE A 207 -1.03 12.14 23.11
N GLY A 208 -0.25 12.74 22.21
CA GLY A 208 0.16 14.12 22.46
C GLY A 208 -1.05 15.01 22.71
N LEU A 209 -2.05 14.91 21.82
CA LEU A 209 -3.24 15.74 21.96
C LEU A 209 -4.00 15.41 23.23
N PHE A 210 -4.11 14.12 23.57
CA PHE A 210 -4.78 13.75 24.81
C PHE A 210 -4.17 14.47 26.00
N GLY A 211 -2.88 14.76 25.94
CA GLY A 211 -2.28 15.55 27.01
C GLY A 211 -2.77 16.98 27.00
N LEU A 212 -2.68 17.65 25.83
CA LEU A 212 -3.08 19.05 25.75
C LEU A 212 -4.54 19.22 26.09
N TYR A 213 -5.40 18.38 25.52
CA TYR A 213 -6.81 18.35 25.92
C TYR A 213 -6.93 18.26 27.44
N THR A 214 -6.15 17.37 28.06
CA THR A 214 -6.22 17.22 29.50
C THR A 214 -5.70 18.47 30.20
N LEU A 215 -4.67 19.11 29.64
CA LEU A 215 -4.23 20.36 30.25
C LEU A 215 -5.33 21.42 30.21
N VAL A 216 -6.36 21.26 29.40
CA VAL A 216 -7.38 22.28 29.24
C VAL A 216 -8.65 21.90 29.99
N PHE A 217 -9.29 20.81 29.59
CA PHE A 217 -10.63 20.49 30.07
C PHE A 217 -10.67 19.65 31.34
N HIS A 218 -9.58 18.98 31.69
CA HIS A 218 -9.55 18.19 32.92
C HIS A 218 -8.25 18.42 33.68
N ARG A 219 -7.92 19.70 33.89
CA ARG A 219 -6.61 20.06 34.43
C ARG A 219 -6.39 19.54 35.84
N LYS A 220 -7.40 18.93 36.47
CA LYS A 220 -7.31 18.52 37.85
C LYS A 220 -7.63 17.05 38.06
N GLU A 221 -8.17 16.35 37.06
CA GLU A 221 -8.55 14.95 37.24
C GLU A 221 -7.32 14.04 37.09
N LYS A 222 -7.01 13.33 38.18
CA LYS A 222 -5.82 12.49 38.23
C LYS A 222 -5.85 11.42 37.13
N ILE A 223 -7.02 10.79 36.93
CA ILE A 223 -7.13 9.64 36.02
C ILE A 223 -6.58 9.95 34.65
N PHE A 224 -6.69 11.21 34.21
CA PHE A 224 -6.20 11.59 32.89
C PHE A 224 -4.67 11.60 32.85
N TYR A 225 -4.04 12.13 33.88
CA TYR A 225 -2.58 12.12 33.95
C TYR A 225 -2.07 10.69 34.06
N LEU A 226 -2.73 9.86 34.87
CA LEU A 226 -2.32 8.46 35.01
C LEU A 226 -2.40 7.71 33.68
N THR A 227 -3.55 7.81 33.01
CA THR A 227 -3.70 7.14 31.72
C THR A 227 -2.73 7.69 30.68
N ILE A 228 -2.35 8.98 30.77
CA ILE A 228 -1.33 9.51 29.86
C ILE A 228 0.01 8.84 30.11
N ALA A 229 0.39 8.71 31.38
CA ALA A 229 1.66 8.04 31.67
C ALA A 229 1.63 6.61 31.13
N LEU A 230 0.55 5.87 31.41
CA LEU A 230 0.42 4.51 30.90
C LEU A 230 0.52 4.45 29.37
N MET A 231 -0.20 5.35 28.67
CA MET A 231 -0.14 5.34 27.20
C MET A 231 1.25 5.69 26.67
N ILE A 232 1.95 6.65 27.29
CA ILE A 232 3.28 6.96 26.78
C ILE A 232 4.20 5.77 26.98
N ILE A 233 4.09 5.10 28.13
CA ILE A 233 4.81 3.86 28.33
C ILE A 233 4.47 2.87 27.23
N ALA A 234 3.18 2.69 26.96
CA ALA A 234 2.78 1.74 25.93
C ALA A 234 3.34 2.13 24.56
N LEU A 235 3.66 3.40 24.35
CA LEU A 235 4.28 3.80 23.10
C LEU A 235 5.75 3.41 23.01
N SER A 236 6.39 3.15 24.14
CA SER A 236 7.83 2.97 24.22
C SER A 236 8.23 1.60 23.69
N MET A 237 9.54 1.34 23.70
CA MET A 237 10.07 0.05 23.30
C MET A 237 10.30 -0.94 24.46
N LEU A 238 9.72 -0.72 25.63
CA LEU A 238 9.84 -1.71 26.69
C LEU A 238 9.36 -3.07 26.19
N ALA A 239 10.00 -4.13 26.68
CA ALA A 239 9.51 -5.48 26.43
C ALA A 239 8.06 -5.58 26.86
N TRP A 240 7.31 -6.51 26.26
CA TRP A 240 5.88 -6.52 26.48
C TRP A 240 5.54 -6.72 27.94
N GLN A 241 6.34 -7.54 28.63
CA GLN A 241 6.10 -7.83 30.03
C GLN A 241 6.35 -6.61 30.93
N TYR A 242 7.36 -5.79 30.62
CA TYR A 242 7.55 -4.55 31.39
C TYR A 242 6.37 -3.59 31.21
N LYS A 243 5.97 -3.38 29.96
CA LYS A 243 4.81 -2.53 29.65
C LYS A 243 3.55 -2.99 30.39
N LEU A 244 3.15 -4.25 30.15
CA LEU A 244 1.94 -4.78 30.76
C LEU A 244 2.01 -4.78 32.30
N ALA A 245 3.20 -5.05 32.85
CA ALA A 245 3.36 -4.98 34.30
C ALA A 245 3.07 -3.58 34.81
N LEU A 246 3.71 -2.57 34.21
CA LEU A 246 3.45 -1.20 34.62
C LEU A 246 1.97 -0.87 34.51
N ILE A 247 1.34 -1.28 33.39
CA ILE A 247 -0.04 -0.88 33.13
C ILE A 247 -0.95 -1.47 34.19
N VAL A 248 -0.81 -2.77 34.45
CA VAL A 248 -1.71 -3.42 35.40
C VAL A 248 -1.46 -2.90 36.82
N LEU A 249 -0.19 -2.63 37.15
CA LEU A 249 0.17 -2.13 38.48
C LEU A 249 -0.51 -0.80 38.77
N LEU A 250 -0.17 0.22 37.98
CA LEU A 250 -0.79 1.52 38.17
C LEU A 250 -2.31 1.44 38.04
N PHE A 251 -2.82 0.51 37.23
CA PHE A 251 -4.28 0.41 37.11
C PHE A 251 -4.90 -0.06 38.41
N ALA A 252 -4.38 -1.15 39.00
CA ALA A 252 -4.93 -1.62 40.26
C ALA A 252 -4.79 -0.58 41.37
N ILE A 253 -3.62 0.06 41.45
CA ILE A 253 -3.36 1.04 42.50
C ILE A 253 -4.31 2.22 42.40
N PHE A 254 -4.64 2.65 41.17
CA PHE A 254 -5.59 3.75 41.07
C PHE A 254 -7.02 3.28 41.25
N ALA A 255 -7.33 2.06 40.80
CA ALA A 255 -8.71 1.59 40.84
C ALA A 255 -9.17 1.31 42.26
N PHE A 256 -8.31 0.71 43.09
CA PHE A 256 -8.71 0.25 44.40
C PHE A 256 -8.16 1.06 45.56
N LYS A 257 -7.41 2.13 45.30
CA LYS A 257 -6.98 3.03 46.35
C LYS A 257 -7.74 4.34 46.19
N GLU A 258 -8.32 4.83 47.29
CA GLU A 258 -9.01 6.12 47.32
C GLU A 258 -8.12 7.22 47.86
N GLU A 259 -7.26 6.90 48.84
CA GLU A 259 -6.13 7.79 49.09
C GLU A 259 -5.28 7.89 47.83
N LYS A 260 -5.30 6.85 47.00
CA LYS A 260 -4.80 6.91 45.65
C LYS A 260 -3.33 7.29 45.58
N ILE A 261 -2.94 7.82 44.43
CA ILE A 261 -1.56 8.16 44.10
C ILE A 261 -1.44 9.67 44.17
N ASN A 262 -0.44 10.14 44.91
CA ASN A 262 -0.23 11.57 45.04
C ASN A 262 0.10 12.18 43.67
N PHE A 263 -0.22 13.46 43.50
CA PHE A 263 -0.10 14.09 42.18
C PHE A 263 1.36 14.22 41.73
N TYR A 264 2.24 14.54 42.67
CA TYR A 264 3.67 14.59 42.40
C TYR A 264 4.19 13.26 41.87
N MET A 265 3.74 12.15 42.48
CA MET A 265 4.15 10.84 41.99
C MET A 265 3.79 10.65 40.52
N ILE A 266 2.61 11.13 40.10
CA ILE A 266 2.18 10.89 38.72
C ILE A 266 2.91 11.83 37.74
N TRP A 267 3.24 13.05 38.14
CA TRP A 267 4.14 13.86 37.31
C TRP A 267 5.53 13.23 37.20
N ALA A 268 5.98 12.60 38.28
CA ALA A 268 7.19 11.80 38.17
C ALA A 268 7.04 10.69 37.14
N LEU A 269 5.90 10.00 37.16
CA LEU A 269 5.63 8.93 36.21
C LEU A 269 5.65 9.45 34.77
N ILE A 270 5.12 10.66 34.56
CA ILE A 270 5.15 11.27 33.23
C ILE A 270 6.58 11.52 32.78
N PHE A 271 7.45 11.95 33.72
CA PHE A 271 8.85 12.19 33.35
C PHE A 271 9.58 10.88 33.01
N ILE A 272 9.51 9.90 33.93
CA ILE A 272 10.04 8.57 33.66
C ILE A 272 9.57 8.07 32.29
N SER A 273 8.30 8.31 31.98
CA SER A 273 7.70 7.88 30.71
C SER A 273 8.38 8.55 29.53
N ILE A 274 8.46 9.88 29.55
CA ILE A 274 9.06 10.60 28.44
C ILE A 274 10.52 10.22 28.26
N LEU A 275 11.22 9.92 29.37
CA LEU A 275 12.59 9.41 29.28
C LEU A 275 12.63 8.05 28.59
N ILE A 276 11.71 7.14 28.96
CA ILE A 276 11.68 5.79 28.40
C ILE A 276 11.38 5.87 26.90
N LEU A 277 10.29 6.55 26.54
CA LEU A 277 9.94 6.78 25.13
C LEU A 277 11.07 7.44 24.36
N HIS A 278 11.79 8.37 24.99
CA HIS A 278 12.94 9.00 24.35
C HIS A 278 14.02 7.97 24.03
N LEU A 279 14.41 7.19 25.03
CA LEU A 279 15.37 6.12 24.80
C LEU A 279 14.90 5.20 23.67
N SER A 280 13.59 4.92 23.61
CA SER A 280 13.00 4.15 22.51
C SER A 280 13.08 4.82 21.15
N GLY A 281 13.72 5.99 21.01
CA GLY A 281 13.85 6.65 19.73
C GLY A 281 12.89 7.81 19.49
N GLY A 282 11.87 7.97 20.33
CA GLY A 282 10.82 8.96 20.22
C GLY A 282 10.83 10.13 19.24
N LEU A 283 9.79 10.21 18.42
CA LEU A 283 9.56 11.32 17.51
C LEU A 283 10.36 11.19 16.22
N ASP A 284 11.52 10.54 16.27
CA ASP A 284 12.26 10.24 15.05
C ASP A 284 11.45 9.52 13.98
N PRO A 285 10.74 8.43 14.25
CA PRO A 285 9.93 7.80 13.19
C PRO A 285 8.96 8.77 12.56
N VAL A 286 8.47 9.73 13.33
CA VAL A 286 7.50 10.70 12.83
C VAL A 286 8.18 11.61 11.82
N LEU A 287 9.35 12.15 12.19
CA LEU A 287 10.10 13.00 11.27
C LEU A 287 10.58 12.25 10.05
N TYR A 288 10.92 10.97 10.18
CA TYR A 288 11.28 10.19 8.99
C TYR A 288 10.12 10.02 8.03
N GLN A 289 8.95 9.60 8.55
CA GLN A 289 7.81 9.40 7.67
C GLN A 289 7.43 10.71 7.00
N LEU A 290 7.47 11.82 7.76
CA LEU A 290 7.26 13.13 7.16
C LEU A 290 8.29 13.41 6.07
N LYS A 291 9.55 13.08 6.34
CA LYS A 291 10.61 13.29 5.37
C LYS A 291 10.31 12.61 4.05
N PHE A 292 9.81 11.35 4.09
CA PHE A 292 9.56 10.60 2.84
C PHE A 292 8.27 11.02 2.16
N TYR A 293 7.21 11.24 2.92
CA TYR A 293 5.92 11.46 2.29
C TYR A 293 5.57 12.92 2.16
N VAL A 294 5.83 13.71 3.21
CA VAL A 294 5.44 15.11 3.22
C VAL A 294 6.50 15.96 2.52
N PHE A 295 7.78 15.69 2.79
CA PHE A 295 8.86 16.42 2.14
C PHE A 295 9.48 15.67 0.96
N LYS A 296 9.07 14.42 0.72
CA LYS A 296 9.51 13.71 -0.49
C LYS A 296 10.99 13.82 -0.78
N ALA A 297 11.85 13.73 0.22
CA ALA A 297 13.28 13.82 -0.04
C ALA A 297 13.78 12.58 -0.79
N SER A 298 14.84 12.78 -1.59
CA SER A 298 15.47 11.70 -2.33
C SER A 298 16.43 10.91 -1.45
N ASP A 299 17.53 11.55 -1.05
CA ASP A 299 18.44 10.98 -0.07
C ASP A 299 17.78 11.02 1.31
N VAL A 300 17.09 9.94 1.69
CA VAL A 300 16.40 9.89 2.98
C VAL A 300 17.27 9.33 4.11
N GLN A 301 18.32 8.58 3.80
CA GLN A 301 19.20 8.03 4.81
C GLN A 301 20.30 9.00 5.23
N ASN A 302 20.45 10.13 4.53
CA ASN A 302 21.29 11.25 4.97
C ASN A 302 22.79 10.93 4.81
N LEU A 303 23.14 10.43 3.63
CA LEU A 303 24.50 10.00 3.28
C LEU A 303 25.10 10.84 2.14
N LYS A 304 25.68 12.01 2.44
CA LYS A 304 26.29 12.78 1.35
C LYS A 304 27.70 12.26 1.07
N ASP A 305 27.86 11.59 -0.07
CA ASP A 305 29.09 11.02 -0.61
C ASP A 305 29.41 9.68 0.04
N ALA A 306 28.68 9.26 1.08
CA ALA A 306 28.73 7.88 1.54
C ALA A 306 27.93 6.95 0.62
N ALA A 307 27.00 7.50 -0.16
CA ALA A 307 26.23 6.81 -1.18
C ALA A 307 26.42 7.52 -2.51
N PHE A 308 25.94 6.88 -3.59
CA PHE A 308 25.82 7.58 -4.86
C PHE A 308 24.45 8.26 -4.91
N MET A 309 24.13 8.89 -6.04
CA MET A 309 22.85 9.57 -6.18
C MET A 309 21.92 8.79 -7.09
N TYR A 310 20.69 8.63 -6.65
CA TYR A 310 19.76 7.75 -7.34
C TYR A 310 18.43 8.45 -7.60
N PHE A 311 17.76 8.01 -8.66
CA PHE A 311 16.40 8.43 -8.98
C PHE A 311 15.48 8.23 -7.78
N ASN A 312 14.49 9.10 -7.62
CA ASN A 312 13.63 9.07 -6.44
C ASN A 312 12.40 8.22 -6.75
N VAL A 313 12.25 7.09 -6.03
CA VAL A 313 11.12 6.19 -6.25
C VAL A 313 9.77 6.77 -5.83
N ASN A 314 9.74 7.79 -4.97
CA ASN A 314 8.47 8.30 -4.46
C ASN A 314 7.52 8.71 -5.58
N GLU A 315 8.01 9.44 -6.58
CA GLU A 315 7.14 9.88 -7.67
C GLU A 315 6.76 8.76 -8.63
N THR A 316 6.93 7.50 -8.19
CA THR A 316 6.81 6.34 -9.06
C THR A 316 5.78 5.34 -8.55
N ILE A 317 5.39 5.44 -7.28
CA ILE A 317 4.47 4.50 -6.62
C ILE A 317 3.04 4.98 -6.75
N MET A 318 2.14 4.08 -7.12
CA MET A 318 0.76 4.46 -7.36
C MET A 318 0.08 4.98 -6.09
N GLU A 319 0.09 4.19 -5.01
CA GLU A 319 -0.36 4.64 -3.69
C GLU A 319 -0.01 6.09 -3.33
N VAL A 320 1.18 6.56 -3.72
CA VAL A 320 1.65 7.87 -3.29
C VAL A 320 1.40 8.93 -4.34
N ASN A 321 0.72 8.60 -5.43
CA ASN A 321 0.49 9.59 -6.46
C ASN A 321 -0.53 10.62 -5.95
N THR A 322 -0.41 11.87 -6.42
CA THR A 322 -1.30 12.93 -5.95
C THR A 322 -2.67 12.85 -6.63
N ILE A 323 -3.55 13.75 -6.21
CA ILE A 323 -4.99 13.64 -6.45
C ILE A 323 -5.59 15.04 -6.39
N ASP A 324 -6.60 15.29 -7.22
CA ASP A 324 -7.23 16.59 -7.28
C ASP A 324 -8.40 16.65 -6.32
N PRO A 325 -8.92 17.84 -6.03
CA PRO A 325 -9.93 17.98 -4.97
C PRO A 325 -11.17 17.11 -5.16
N GLU A 326 -11.71 17.04 -6.37
CA GLU A 326 -12.84 16.15 -6.59
C GLU A 326 -12.52 14.74 -6.11
N VAL A 327 -11.39 14.19 -6.56
CA VAL A 327 -11.03 12.82 -6.21
C VAL A 327 -10.72 12.67 -4.73
N PHE A 328 -10.09 13.67 -4.12
CA PHE A 328 -9.89 13.65 -2.67
C PHE A 328 -11.22 13.45 -1.96
N MET A 329 -12.18 14.30 -2.31
CA MET A 329 -13.48 14.25 -1.66
C MET A 329 -14.21 12.95 -1.94
N GLN A 330 -14.18 12.45 -3.18
CA GLN A 330 -14.88 11.20 -3.44
C GLN A 330 -14.20 10.03 -2.74
N ARG A 331 -12.86 10.04 -2.68
CA ARG A 331 -12.14 9.02 -1.95
C ARG A 331 -12.63 8.96 -0.53
N ILE A 332 -12.93 10.13 0.04
CA ILE A 332 -13.31 10.20 1.44
C ILE A 332 -14.80 9.90 1.63
N SER A 333 -15.65 10.39 0.71
CA SER A 333 -17.10 10.36 0.90
C SER A 333 -17.84 9.84 -0.33
N SER A 334 -17.14 9.31 -1.33
CA SER A 334 -17.77 8.77 -2.54
C SER A 334 -18.53 9.83 -3.35
N SER A 335 -18.50 11.08 -2.90
CA SER A 335 -19.25 12.15 -3.53
C SER A 335 -18.88 13.49 -2.92
N VAL A 336 -18.90 14.54 -3.76
CA VAL A 336 -18.57 15.87 -3.23
C VAL A 336 -19.66 16.34 -2.26
N LEU A 337 -20.93 16.20 -2.63
CA LEU A 337 -22.01 16.65 -1.74
C LEU A 337 -21.88 16.06 -0.35
N VAL A 338 -21.80 14.73 -0.28
CA VAL A 338 -21.75 14.10 1.02
C VAL A 338 -20.50 14.55 1.75
N PHE A 339 -19.43 14.86 1.01
CA PHE A 339 -18.21 15.34 1.67
C PHE A 339 -18.42 16.69 2.33
N ILE A 340 -19.01 17.64 1.61
CA ILE A 340 -19.33 18.95 2.16
C ILE A 340 -20.22 18.83 3.41
N LEU A 341 -21.31 18.07 3.29
CA LEU A 341 -22.20 17.87 4.45
C LEU A 341 -21.49 17.14 5.58
N SER A 342 -20.59 16.21 5.26
CA SER A 342 -19.83 15.52 6.28
C SER A 342 -18.94 16.48 7.04
N PHE A 343 -18.38 17.45 6.32
CA PHE A 343 -17.47 18.41 6.94
C PHE A 343 -18.24 19.37 7.85
N ILE A 344 -19.37 19.87 7.35
CA ILE A 344 -20.28 20.67 8.18
C ILE A 344 -20.63 19.91 9.45
N GLY A 345 -21.09 18.66 9.29
CA GLY A 345 -21.43 17.83 10.42
C GLY A 345 -20.28 17.71 11.39
N PHE A 346 -19.05 17.57 10.88
CA PHE A 346 -17.92 17.45 11.80
C PHE A 346 -17.69 18.73 12.58
N ILE A 347 -17.79 19.89 11.92
CA ILE A 347 -17.69 21.15 12.65
C ILE A 347 -18.74 21.22 13.77
N LEU A 348 -20.01 20.99 13.41
CA LEU A 348 -21.09 21.06 14.39
C LEU A 348 -20.85 20.06 15.53
N LEU A 349 -20.46 18.84 15.21
CA LEU A 349 -20.19 17.85 16.24
C LEU A 349 -19.08 18.35 17.16
N LEU A 350 -18.05 18.98 16.58
CA LEU A 350 -16.97 19.52 17.38
C LEU A 350 -17.50 20.58 18.33
N LYS A 351 -18.24 21.55 17.77
CA LYS A 351 -18.74 22.67 18.55
C LYS A 351 -20.00 22.25 19.29
N ASP A 352 -20.07 20.97 19.60
CA ASP A 352 -21.07 20.44 20.53
C ASP A 352 -20.45 19.45 21.51
N HIS A 353 -19.47 18.66 21.08
CA HIS A 353 -18.80 17.65 21.91
C HIS A 353 -17.30 17.88 21.77
N LYS A 354 -16.73 18.69 22.68
CA LYS A 354 -15.31 19.05 22.65
C LYS A 354 -14.43 17.81 22.52
N SER A 355 -14.91 16.66 23.02
CA SER A 355 -14.14 15.43 23.01
C SER A 355 -13.86 14.94 21.59
N MET A 356 -14.78 15.20 20.65
CA MET A 356 -14.56 14.85 19.26
C MET A 356 -13.36 15.59 18.70
N LEU A 357 -12.84 16.58 19.43
CA LEU A 357 -11.55 17.21 19.15
C LEU A 357 -10.43 16.17 19.05
N LEU A 358 -10.50 15.13 19.87
CA LEU A 358 -9.52 14.05 19.87
C LEU A 358 -9.53 13.26 18.57
N ALA A 359 -10.50 13.48 17.69
CA ALA A 359 -10.42 12.84 16.39
C ALA A 359 -9.54 13.59 15.41
N LEU A 360 -9.08 14.78 15.77
CA LEU A 360 -8.40 15.61 14.77
C LEU A 360 -7.17 14.98 14.16
N PRO A 361 -6.34 14.21 14.88
CA PRO A 361 -5.19 13.59 14.22
C PRO A 361 -5.55 12.80 12.97
N MET A 362 -6.47 11.82 13.08
CA MET A 362 -6.88 11.05 11.92
C MET A 362 -7.39 11.96 10.82
N LEU A 363 -8.30 12.88 11.16
CA LEU A 363 -8.78 13.83 10.19
C LEU A 363 -7.59 14.49 9.51
N ALA A 364 -6.68 15.03 10.31
CA ALA A 364 -5.52 15.69 9.74
C ALA A 364 -4.74 14.75 8.83
N LEU A 365 -4.49 13.52 9.30
CA LEU A 365 -3.76 12.54 8.50
C LEU A 365 -4.44 12.35 7.16
N GLY A 366 -5.77 12.16 7.17
CA GLY A 366 -6.45 11.98 5.90
C GLY A 366 -6.28 13.19 5.00
N PHE A 367 -6.43 14.39 5.56
CA PHE A 367 -6.28 15.55 4.70
C PHE A 367 -4.85 15.64 4.20
N MET A 368 -3.90 15.10 4.97
CA MET A 368 -2.50 15.12 4.56
C MET A 368 -2.28 14.39 3.25
N ALA A 369 -3.27 13.59 2.83
CA ALA A 369 -3.22 12.97 1.52
C ALA A 369 -2.94 13.98 0.43
N LEU A 370 -3.53 15.17 0.53
CA LEU A 370 -3.35 16.18 -0.50
C LEU A 370 -1.87 16.45 -0.78
N ARG A 371 -1.03 16.35 0.24
CA ARG A 371 0.41 16.47 0.03
C ARG A 371 1.12 15.15 -0.10
N ALA A 372 0.62 14.10 0.56
CA ALA A 372 1.44 12.90 0.76
C ALA A 372 0.99 11.70 -0.06
N GLY A 373 -0.15 11.77 -0.76
CA GLY A 373 -0.58 10.76 -1.72
C GLY A 373 -1.92 10.18 -1.32
N LEU A 374 -2.63 9.57 -2.26
CA LEU A 374 -4.03 9.20 -2.03
C LEU A 374 -4.15 8.19 -0.89
N ARG A 375 -3.16 7.31 -0.76
CA ARG A 375 -3.16 6.28 0.28
C ARG A 375 -3.45 6.76 1.73
N PHE A 376 -3.51 8.06 1.96
CA PHE A 376 -3.77 8.56 3.31
C PHE A 376 -5.21 8.96 3.54
N THR A 377 -5.99 9.18 2.49
CA THR A 377 -7.37 9.60 2.68
C THR A 377 -8.12 8.64 3.60
N ILE A 378 -7.77 7.35 3.55
CA ILE A 378 -8.28 6.34 4.48
C ILE A 378 -8.55 6.94 5.86
N TYR A 379 -7.57 7.67 6.40
CA TYR A 379 -7.67 8.06 7.81
C TYR A 379 -8.81 9.03 8.08
N ALA A 380 -9.35 9.66 7.05
CA ALA A 380 -10.41 10.63 7.22
C ALA A 380 -11.79 10.05 7.04
N VAL A 381 -11.91 8.79 6.63
CA VAL A 381 -13.23 8.24 6.28
C VAL A 381 -14.13 8.14 7.50
N PRO A 382 -13.73 7.47 8.59
CA PRO A 382 -14.69 7.25 9.68
C PRO A 382 -14.99 8.51 10.46
N VAL A 383 -13.98 9.30 10.79
CA VAL A 383 -14.19 10.62 11.38
C VAL A 383 -15.22 11.40 10.57
N MET A 384 -14.94 11.56 9.28
CA MET A 384 -15.86 12.30 8.43
C MET A 384 -17.22 11.63 8.38
N ALA A 385 -17.25 10.30 8.41
CA ALA A 385 -18.54 9.61 8.42
C ALA A 385 -19.37 10.00 9.65
N LEU A 386 -18.75 10.02 10.84
CA LEU A 386 -19.47 10.53 11.99
C LEU A 386 -19.98 11.93 11.72
N GLY A 387 -19.13 12.79 11.18
CA GLY A 387 -19.58 14.13 10.82
C GLY A 387 -20.88 14.11 10.04
N PHE A 388 -20.95 13.26 9.00
CA PHE A 388 -22.19 13.19 8.24
C PHE A 388 -23.35 12.73 9.11
N GLY A 389 -23.15 11.67 9.88
CA GLY A 389 -24.13 11.28 10.88
C GLY A 389 -24.59 12.47 11.70
N TYR A 390 -23.63 13.24 12.22
CA TYR A 390 -24.06 14.35 13.04
C TYR A 390 -24.89 15.32 12.22
N PHE A 391 -24.47 15.59 10.97
CA PHE A 391 -25.27 16.50 10.14
C PHE A 391 -26.72 16.05 10.11
N LEU A 392 -26.98 14.76 9.94
CA LEU A 392 -28.37 14.33 9.86
C LEU A 392 -29.09 14.61 11.19
N TYR A 393 -28.47 14.23 12.31
CA TYR A 393 -29.07 14.58 13.59
C TYR A 393 -29.37 16.06 13.64
N ALA A 394 -28.40 16.88 13.20
CA ALA A 394 -28.60 18.32 13.21
C ALA A 394 -29.84 18.70 12.39
N PHE A 395 -29.95 18.15 11.18
CA PHE A 395 -31.00 18.57 10.25
C PHE A 395 -32.39 18.37 10.83
N PHE A 396 -32.69 17.14 11.25
CA PHE A 396 -34.01 16.90 11.79
C PHE A 396 -34.21 17.68 13.08
N ASN A 397 -33.13 17.91 13.83
CA ASN A 397 -33.19 18.80 14.97
C ASN A 397 -33.71 20.18 14.56
N PHE A 398 -33.15 20.76 13.50
CA PHE A 398 -33.70 21.99 12.95
C PHE A 398 -35.20 21.85 12.78
N LEU A 399 -35.61 20.75 12.15
CA LEU A 399 -37.01 20.57 11.76
C LEU A 399 -37.94 20.52 12.95
N GLU A 400 -37.42 20.29 14.15
CA GLU A 400 -38.28 20.44 15.31
C GLU A 400 -38.12 21.77 16.01
N LYS A 401 -36.89 22.29 16.07
CA LYS A 401 -36.68 23.62 16.60
C LYS A 401 -37.25 24.70 15.69
N LYS A 402 -37.80 24.28 14.55
CA LYS A 402 -38.64 25.11 13.68
C LYS A 402 -40.02 24.48 13.50
N GLN A 403 -40.40 23.56 14.39
CA GLN A 403 -41.78 23.13 14.52
C GLN A 403 -42.35 22.54 13.23
N ILE A 404 -41.52 21.89 12.42
CA ILE A 404 -42.05 21.29 11.20
C ILE A 404 -42.90 20.07 11.55
N LYS A 405 -44.15 20.08 11.06
CA LYS A 405 -45.14 19.01 11.25
C LYS A 405 -44.70 17.77 10.47
N LEU A 406 -44.07 16.79 11.15
CA LEU A 406 -43.67 15.55 10.51
C LEU A 406 -44.01 14.34 11.36
N SER A 407 -44.77 13.39 10.80
CA SER A 407 -45.05 12.14 11.52
C SER A 407 -43.75 11.44 11.90
N LEU A 408 -43.85 10.47 12.81
CA LEU A 408 -42.72 9.56 13.02
C LEU A 408 -42.52 8.63 11.84
N ARG A 409 -43.60 7.99 11.37
CA ARG A 409 -43.48 7.13 10.19
C ARG A 409 -42.85 7.91 9.03
N ASN A 410 -43.25 9.17 8.85
CA ASN A 410 -42.77 9.91 7.70
C ASN A 410 -41.36 10.45 7.92
N LYS A 411 -41.04 10.89 9.14
CA LYS A 411 -39.65 11.23 9.45
C LYS A 411 -38.73 10.04 9.22
N ASN A 412 -39.20 8.84 9.55
CA ASN A 412 -38.37 7.65 9.37
C ASN A 412 -38.22 7.31 7.90
N ILE A 413 -39.32 7.39 7.14
CA ILE A 413 -39.20 7.21 5.69
C ILE A 413 -38.20 8.22 5.14
N LEU A 414 -38.26 9.46 5.63
CA LEU A 414 -37.34 10.52 5.19
C LEU A 414 -35.89 10.16 5.51
N LEU A 415 -35.63 9.64 6.72
CA LEU A 415 -34.26 9.25 7.08
C LEU A 415 -33.75 8.12 6.20
N ILE A 416 -34.55 7.05 6.07
CA ILE A 416 -34.12 5.92 5.25
C ILE A 416 -33.80 6.40 3.84
N LEU A 417 -34.64 7.28 3.29
CA LEU A 417 -34.41 7.81 1.95
C LEU A 417 -33.13 8.66 1.90
N ILE A 418 -32.91 9.51 2.90
CA ILE A 418 -31.72 10.34 2.90
C ILE A 418 -30.47 9.47 2.90
N ALA A 419 -30.41 8.53 3.85
CA ALA A 419 -29.27 7.63 3.99
C ALA A 419 -29.03 6.78 2.75
N PHE A 420 -30.09 6.22 2.18
CA PHE A 420 -29.90 5.40 0.98
C PHE A 420 -29.40 6.25 -0.18
N PHE A 421 -30.00 7.41 -0.38
CA PHE A 421 -29.63 8.23 -1.53
C PHE A 421 -28.19 8.71 -1.39
N SER A 422 -27.75 9.02 -0.16
CA SER A 422 -26.37 9.48 0.03
C SER A 422 -25.34 8.34 0.11
N ILE A 423 -25.76 7.13 0.46
CA ILE A 423 -24.86 5.97 0.41
C ILE A 423 -24.73 5.38 -0.98
N SER A 424 -25.60 5.76 -1.92
CA SER A 424 -25.51 5.26 -3.29
C SER A 424 -24.14 5.38 -3.93
N PRO A 425 -23.47 6.54 -3.91
CA PRO A 425 -22.16 6.66 -4.60
C PRO A 425 -21.15 5.59 -4.22
N ALA A 426 -21.15 5.16 -2.96
CA ALA A 426 -20.21 4.11 -2.54
C ALA A 426 -20.53 2.79 -3.24
N LEU A 427 -21.82 2.45 -3.31
CA LEU A 427 -22.23 1.23 -4.01
C LEU A 427 -21.87 1.28 -5.49
N MET A 428 -22.18 2.40 -6.16
CA MET A 428 -21.74 2.57 -7.54
C MET A 428 -20.25 2.32 -7.69
N HIS A 429 -19.45 2.94 -6.81
CA HIS A 429 -18.00 2.75 -6.88
C HIS A 429 -17.63 1.28 -6.80
N ILE A 430 -18.20 0.58 -5.82
CA ILE A 430 -17.94 -0.84 -5.67
C ILE A 430 -18.24 -1.57 -6.98
N TYR A 431 -19.46 -1.37 -7.50
CA TYR A 431 -19.85 -2.01 -8.76
C TYR A 431 -18.85 -1.75 -9.88
N TYR A 432 -18.36 -0.50 -9.98
CA TYR A 432 -17.47 -0.16 -11.08
C TYR A 432 -16.03 -0.55 -10.81
N TYR A 433 -15.68 -0.75 -9.53
CA TYR A 433 -14.31 -1.03 -9.14
C TYR A 433 -14.03 -2.51 -9.42
N LYS A 434 -14.18 -2.90 -10.69
CA LYS A 434 -13.97 -4.28 -11.09
C LYS A 434 -12.47 -4.59 -11.08
N SER A 435 -11.85 -4.50 -9.92
CA SER A 435 -10.42 -4.72 -9.81
C SER A 435 -10.08 -6.14 -10.27
N SER A 436 -8.83 -6.35 -10.66
CA SER A 436 -8.44 -7.69 -11.06
C SER A 436 -7.35 -8.22 -10.14
N THR A 437 -6.99 -9.50 -10.32
CA THR A 437 -5.95 -10.11 -9.51
C THR A 437 -4.59 -9.45 -9.73
N VAL A 438 -3.71 -9.62 -8.73
CA VAL A 438 -2.32 -9.17 -8.87
C VAL A 438 -1.72 -9.68 -10.17
N PHE A 439 -1.71 -11.00 -10.33
CA PHE A 439 -1.28 -11.68 -11.54
C PHE A 439 -2.44 -12.47 -12.15
N THR A 440 -2.15 -13.10 -13.29
CA THR A 440 -3.05 -14.01 -13.95
C THR A 440 -2.67 -15.43 -13.55
N SER A 441 -3.64 -16.34 -13.69
CA SER A 441 -3.37 -17.73 -13.34
C SER A 441 -2.09 -18.17 -13.99
N TYR A 442 -1.90 -17.76 -15.25
CA TYR A 442 -0.76 -18.18 -16.04
C TYR A 442 0.56 -17.74 -15.41
N GLU A 443 0.65 -16.48 -14.96
CA GLU A 443 1.88 -16.04 -14.30
C GLU A 443 2.12 -16.73 -12.97
N ALA A 444 1.07 -16.91 -12.17
CA ALA A 444 1.27 -17.64 -10.92
C ALA A 444 1.72 -19.07 -11.20
N SER A 445 1.24 -19.63 -12.32
CA SER A 445 1.63 -20.97 -12.71
C SER A 445 3.09 -21.01 -13.17
N ILE A 446 3.49 -20.02 -13.96
CA ILE A 446 4.87 -19.93 -14.41
C ILE A 446 5.81 -19.86 -13.21
N LEU A 447 5.44 -19.05 -12.19
CA LEU A 447 6.32 -18.88 -11.03
C LEU A 447 6.31 -20.10 -10.12
N ASN A 448 5.21 -20.86 -10.10
CA ASN A 448 5.20 -22.06 -9.29
C ASN A 448 6.02 -23.15 -9.96
N ASP A 449 5.93 -23.27 -11.28
CA ASP A 449 6.83 -24.17 -12.00
C ASP A 449 8.30 -23.76 -11.79
N LEU A 450 8.57 -22.45 -11.76
CA LEU A 450 9.91 -22.01 -11.37
C LEU A 450 10.26 -22.55 -9.99
N LYS A 451 9.29 -22.53 -9.07
CA LYS A 451 9.51 -23.05 -7.73
C LYS A 451 10.02 -24.47 -7.78
N ASN A 452 9.37 -25.29 -8.60
CA ASN A 452 9.74 -26.69 -8.71
C ASN A 452 11.01 -26.88 -9.54
N LYS A 453 11.48 -25.84 -10.23
CA LYS A 453 12.70 -25.90 -11.03
C LYS A 453 13.93 -25.30 -10.35
N ALA A 454 13.80 -24.16 -9.67
CA ALA A 454 14.95 -23.49 -9.09
C ALA A 454 15.11 -23.91 -7.63
N GLN A 455 16.17 -23.40 -7.00
CA GLN A 455 16.42 -23.65 -5.58
C GLN A 455 15.95 -22.48 -4.71
N ARG A 456 15.71 -22.81 -3.45
CA ARG A 456 15.27 -21.85 -2.46
C ARG A 456 16.28 -20.74 -2.18
N GLU A 457 17.56 -20.98 -2.41
CA GLU A 457 18.61 -20.01 -2.12
C GLU A 457 19.01 -19.20 -3.35
N ASP A 458 18.36 -19.42 -4.48
CA ASP A 458 18.58 -18.69 -5.72
C ASP A 458 17.91 -17.31 -5.70
N TYR A 459 18.37 -16.45 -6.60
CA TYR A 459 17.80 -15.12 -6.84
C TYR A 459 17.14 -15.09 -8.20
N VAL A 460 16.03 -14.36 -8.30
CA VAL A 460 15.53 -13.92 -9.60
C VAL A 460 15.57 -12.40 -9.61
N VAL A 461 16.27 -11.85 -10.58
CA VAL A 461 16.29 -10.41 -10.81
C VAL A 461 15.03 -10.05 -11.59
N ALA A 462 14.23 -9.18 -10.99
CA ALA A 462 12.99 -8.67 -11.54
C ALA A 462 12.88 -7.22 -11.10
N TRP A 463 11.81 -6.57 -11.52
CA TRP A 463 11.45 -5.27 -10.99
C TRP A 463 10.75 -5.43 -9.62
N TRP A 464 10.81 -4.36 -8.82
CA TRP A 464 10.40 -4.49 -7.42
C TRP A 464 8.90 -4.73 -7.26
N ASP A 465 8.06 -4.16 -8.14
CA ASP A 465 6.66 -4.54 -8.25
C ASP A 465 6.40 -6.04 -8.06
N TYR A 466 7.28 -6.88 -8.58
CA TYR A 466 7.07 -8.32 -8.62
C TYR A 466 7.78 -9.08 -7.50
N GLY A 467 8.49 -8.38 -6.60
CA GLY A 467 9.30 -9.09 -5.62
C GLY A 467 8.46 -9.97 -4.72
N TYR A 468 7.36 -9.42 -4.20
CA TYR A 468 6.51 -10.21 -3.30
C TYR A 468 5.85 -11.38 -4.01
N PRO A 469 5.20 -11.22 -5.17
CA PRO A 469 4.60 -12.40 -5.82
C PRO A 469 5.61 -13.47 -6.21
N ILE A 470 6.77 -13.09 -6.77
CA ILE A 470 7.77 -14.10 -7.08
C ILE A 470 8.20 -14.83 -5.83
N ARG A 471 8.50 -14.10 -4.75
CA ARG A 471 8.94 -14.83 -3.58
C ARG A 471 7.82 -15.71 -3.06
N TYR A 472 6.57 -15.31 -3.26
CA TYR A 472 5.52 -16.19 -2.77
C TYR A 472 5.41 -17.39 -3.68
N TYR A 473 5.20 -17.14 -4.99
CA TYR A 473 4.93 -18.23 -5.90
C TYR A 473 6.15 -19.10 -6.18
N SER A 474 7.35 -18.52 -6.21
CA SER A 474 8.55 -19.23 -6.59
C SER A 474 9.45 -19.60 -5.42
N ASP A 475 9.23 -19.00 -4.25
CA ASP A 475 10.03 -19.27 -3.07
C ASP A 475 11.52 -19.18 -3.39
N VAL A 476 11.93 -18.00 -3.82
CA VAL A 476 13.32 -17.70 -4.08
C VAL A 476 13.71 -16.38 -3.41
N LYS A 477 14.85 -15.81 -3.76
CA LYS A 477 15.24 -14.51 -3.25
C LYS A 477 15.11 -13.48 -4.35
N THR A 478 14.88 -12.23 -3.96
CA THR A 478 14.76 -11.13 -4.91
C THR A 478 15.76 -10.04 -4.56
N LEU A 479 16.05 -9.19 -5.52
CA LEU A 479 16.90 -8.05 -5.18
C LEU A 479 16.10 -6.91 -4.56
N ILE A 480 14.87 -6.68 -5.02
CA ILE A 480 14.08 -5.55 -4.56
C ILE A 480 12.63 -6.02 -4.51
N ASP A 481 11.82 -5.35 -3.70
CA ASP A 481 10.43 -5.74 -3.54
C ASP A 481 9.63 -4.54 -3.12
N GLY A 482 8.39 -4.80 -2.68
CA GLY A 482 7.48 -3.73 -2.35
C GLY A 482 7.94 -2.81 -1.23
N GLY A 483 8.81 -3.28 -0.34
CA GLY A 483 9.28 -2.45 0.75
C GLY A 483 10.75 -2.10 0.73
N LYS A 484 11.50 -2.73 -0.18
CA LYS A 484 12.91 -2.48 -0.51
C LYS A 484 12.91 -2.05 -1.96
N HIS A 485 12.76 -0.74 -2.17
CA HIS A 485 12.66 -0.22 -3.52
C HIS A 485 13.14 1.24 -3.61
N LEU A 486 14.17 1.58 -2.84
CA LEU A 486 14.81 2.88 -3.02
C LEU A 486 15.63 2.89 -4.32
N GLY A 487 16.00 4.11 -4.75
CA GLY A 487 16.85 4.25 -5.93
C GLY A 487 18.09 3.39 -5.88
N LYS A 488 18.81 3.47 -4.76
CA LYS A 488 20.02 2.70 -4.57
C LYS A 488 19.75 1.20 -4.68
N ASP A 489 18.52 0.78 -4.37
CA ASP A 489 18.12 -0.62 -4.50
C ASP A 489 17.72 -0.94 -5.91
N ASN A 490 16.88 -0.07 -6.51
CA ASN A 490 16.34 -0.33 -7.83
C ASN A 490 17.41 -0.33 -8.92
N PHE A 491 18.55 0.35 -8.69
CA PHE A 491 19.49 0.58 -9.77
C PHE A 491 19.88 -0.71 -10.46
N PHE A 492 20.13 -1.77 -9.68
CA PHE A 492 20.65 -3.00 -10.26
C PHE A 492 19.65 -3.66 -11.19
N SER A 493 18.39 -3.76 -10.76
CA SER A 493 17.40 -4.39 -11.62
C SER A 493 17.10 -3.53 -12.83
N SER A 494 17.08 -2.21 -12.66
CA SER A 494 16.95 -1.32 -13.80
C SER A 494 18.04 -1.58 -14.82
N PHE A 495 19.30 -1.57 -14.37
CA PHE A 495 20.44 -1.83 -15.25
C PHE A 495 20.31 -3.18 -15.95
N VAL A 496 20.04 -4.24 -15.19
CA VAL A 496 19.99 -5.57 -15.79
C VAL A 496 18.91 -5.64 -16.86
N LEU A 497 17.76 -5.03 -16.60
CA LEU A 497 16.66 -5.14 -17.54
C LEU A 497 16.73 -4.13 -18.69
N SER A 498 17.42 -3.00 -18.54
CA SER A 498 17.31 -2.00 -19.59
C SER A 498 18.63 -1.74 -20.33
N LYS A 499 19.75 -2.33 -19.90
CA LYS A 499 20.99 -2.14 -20.63
C LYS A 499 21.21 -3.32 -21.60
N GLU A 500 22.33 -3.28 -22.35
CA GLU A 500 22.57 -4.43 -23.22
C GLU A 500 23.05 -5.62 -22.42
N GLN A 501 23.15 -6.76 -23.11
CA GLN A 501 23.18 -8.05 -22.44
C GLN A 501 24.51 -8.35 -21.77
N ILE A 502 25.63 -8.03 -22.41
CA ILE A 502 26.96 -8.29 -21.84
C ILE A 502 27.02 -7.63 -20.46
N PRO A 503 26.78 -6.32 -20.37
CA PRO A 503 26.81 -5.68 -19.04
C PRO A 503 25.58 -6.02 -18.19
N ALA A 504 24.46 -6.40 -18.81
CA ALA A 504 23.31 -6.83 -18.01
C ALA A 504 23.63 -8.09 -17.23
N ALA A 505 24.34 -9.03 -17.84
CA ALA A 505 24.69 -10.27 -17.16
C ALA A 505 25.83 -10.05 -16.17
N ASN A 506 26.82 -9.23 -16.54
CA ASN A 506 27.82 -8.82 -15.56
C ASN A 506 27.18 -8.20 -14.32
N MET A 507 26.19 -7.33 -14.53
CA MET A 507 25.53 -6.66 -13.41
C MET A 507 24.62 -7.60 -12.65
N ALA A 508 24.01 -8.58 -13.32
CA ALA A 508 23.15 -9.50 -12.60
C ALA A 508 23.98 -10.35 -11.65
N ARG A 509 25.11 -10.88 -12.14
CA ARG A 509 26.01 -11.63 -11.26
C ARG A 509 26.54 -10.74 -10.13
N LEU A 510 27.09 -9.56 -10.48
CA LEU A 510 27.73 -8.71 -9.47
C LEU A 510 26.73 -8.23 -8.43
N SER A 511 25.53 -7.84 -8.84
CA SER A 511 24.55 -7.35 -7.90
C SER A 511 24.03 -8.46 -6.99
N VAL A 512 23.72 -9.64 -7.54
CA VAL A 512 23.23 -10.70 -6.66
C VAL A 512 24.32 -11.08 -5.66
N GLU A 513 25.56 -11.23 -6.14
CA GLU A 513 26.65 -11.63 -5.26
C GLU A 513 26.90 -10.57 -4.19
N TYR A 514 26.91 -9.29 -4.57
CA TYR A 514 27.21 -8.24 -3.61
C TYR A 514 26.06 -8.01 -2.64
N THR A 515 24.82 -8.19 -3.07
CA THR A 515 23.70 -8.17 -2.13
C THR A 515 23.88 -9.26 -1.08
N GLU A 516 24.10 -10.50 -1.54
CA GLU A 516 24.32 -11.58 -0.60
C GLU A 516 25.46 -11.25 0.37
N LYS A 517 26.57 -10.71 -0.15
CA LYS A 517 27.66 -10.30 0.73
C LYS A 517 27.23 -9.19 1.69
N SER A 518 26.40 -8.26 1.23
CA SER A 518 26.01 -7.13 2.05
C SER A 518 25.15 -7.56 3.22
N PHE A 519 24.50 -8.74 3.11
CA PHE A 519 23.84 -9.25 4.32
C PHE A 519 24.83 -9.48 5.47
N LYS A 520 26.07 -9.86 5.15
CA LYS A 520 27.11 -10.10 6.14
C LYS A 520 28.02 -8.89 6.38
N GLU A 521 27.96 -7.86 5.51
CA GLU A 521 28.90 -6.76 5.57
C GLU A 521 28.30 -5.36 5.69
N ASN A 522 27.00 -5.20 5.44
CA ASN A 522 26.28 -3.93 5.61
C ASN A 522 26.99 -2.77 4.89
N TYR A 523 26.96 -2.83 3.56
CA TYR A 523 27.42 -1.72 2.76
C TYR A 523 26.37 -0.61 2.82
N PRO A 524 26.74 0.61 3.16
CA PRO A 524 25.77 1.71 3.01
C PRO A 524 25.30 1.91 1.57
N ASP A 525 26.14 1.62 0.59
CA ASP A 525 25.76 1.66 -0.83
C ASP A 525 26.39 0.47 -1.52
N VAL A 526 25.58 -0.42 -2.11
CA VAL A 526 26.13 -1.62 -2.73
C VAL A 526 26.88 -1.26 -4.02
N LEU A 527 26.32 -0.36 -4.82
CA LEU A 527 27.05 0.09 -6.00
C LEU A 527 28.39 0.69 -5.61
N LYS A 528 28.42 1.44 -4.50
CA LYS A 528 29.66 2.05 -4.03
C LYS A 528 30.65 1.00 -3.57
N ALA A 529 30.16 -0.09 -2.98
CA ALA A 529 31.02 -1.23 -2.62
C ALA A 529 31.60 -1.90 -3.85
N MET A 530 30.77 -2.09 -4.87
CA MET A 530 31.27 -2.64 -6.13
C MET A 530 32.38 -1.76 -6.67
N VAL A 531 32.12 -0.44 -6.74
CA VAL A 531 33.10 0.51 -7.25
C VAL A 531 34.39 0.43 -6.45
N LYS A 532 34.30 0.62 -5.14
CA LYS A 532 35.46 0.72 -4.27
C LYS A 532 36.10 -0.64 -4.00
N ASP A 533 35.62 -1.69 -4.64
CA ASP A 533 36.33 -2.96 -4.66
C ASP A 533 37.14 -3.13 -5.94
N TYR A 534 36.53 -2.88 -7.09
CA TYR A 534 37.20 -3.06 -8.37
C TYR A 534 38.03 -1.81 -8.67
N GLN A 535 38.42 -1.08 -7.61
CA GLN A 535 39.36 0.03 -7.65
C GLN A 535 39.03 1.06 -8.73
N LYS A 536 37.75 1.43 -8.81
CA LYS A 536 37.32 2.45 -9.74
C LYS A 536 37.07 3.79 -9.03
N THR A 537 37.07 4.86 -9.83
CA THR A 537 36.98 6.21 -9.26
C THR A 537 35.54 6.69 -9.09
N SER A 538 34.62 6.33 -10.00
CA SER A 538 33.25 6.81 -9.88
C SER A 538 32.28 5.69 -10.26
N ALA A 539 30.98 5.97 -10.10
CA ALA A 539 29.96 5.04 -10.54
C ALA A 539 30.01 4.85 -12.05
N LYS A 540 30.06 5.96 -12.80
CA LYS A 540 30.08 5.88 -14.26
C LYS A 540 31.27 5.08 -14.73
N ASP A 541 32.42 5.30 -14.09
CA ASP A 541 33.65 4.61 -14.44
C ASP A 541 33.48 3.09 -14.34
N PHE A 542 32.99 2.61 -13.19
CA PHE A 542 32.79 1.18 -13.00
C PHE A 542 31.75 0.63 -13.96
N LEU A 543 30.61 1.33 -14.09
CA LEU A 543 29.55 0.81 -14.93
C LEU A 543 30.00 0.71 -16.38
N GLU A 544 30.75 1.71 -16.86
CA GLU A 544 31.24 1.61 -18.23
C GLU A 544 32.29 0.54 -18.37
N SER A 545 33.07 0.30 -17.32
CA SER A 545 34.03 -0.79 -17.36
C SER A 545 33.35 -2.15 -17.35
N LEU A 546 32.07 -2.19 -16.94
CA LEU A 546 31.24 -3.40 -16.99
C LEU A 546 30.95 -3.88 -18.41
N ASN A 547 31.26 -3.07 -19.42
CA ASN A 547 30.99 -3.35 -20.83
C ASN A 547 31.95 -4.32 -21.50
N ASP A 548 32.90 -4.94 -20.79
CA ASP A 548 33.98 -5.69 -21.45
C ASP A 548 33.68 -7.18 -21.54
N PRO A 549 33.62 -7.76 -22.74
CA PRO A 549 33.45 -9.22 -22.84
C PRO A 549 34.63 -9.99 -22.27
N ASN A 550 35.75 -9.33 -21.99
CA ASN A 550 36.88 -9.91 -21.25
C ASN A 550 36.91 -9.41 -19.81
N PHE A 551 35.78 -9.48 -19.11
CA PHE A 551 35.69 -8.99 -17.73
C PHE A 551 36.02 -10.12 -16.75
N LYS A 552 36.99 -9.86 -15.87
CA LYS A 552 37.31 -10.79 -14.78
C LYS A 552 36.24 -10.73 -13.69
N ILE A 553 35.89 -11.89 -13.16
CA ILE A 553 34.83 -12.01 -12.15
C ILE A 553 35.46 -12.69 -10.93
N ASP A 554 36.01 -11.86 -10.03
CA ASP A 554 36.69 -12.31 -8.82
C ASP A 554 35.73 -12.64 -7.69
N THR A 555 34.45 -12.33 -7.83
CA THR A 555 33.44 -12.75 -6.87
C THR A 555 32.95 -14.14 -7.26
N PRO A 556 33.08 -15.14 -6.39
CA PRO A 556 32.66 -16.49 -6.77
C PRO A 556 31.15 -16.67 -6.82
N LYS A 557 30.73 -17.74 -7.51
CA LYS A 557 29.32 -18.02 -7.75
C LYS A 557 28.77 -18.86 -6.59
N THR A 558 27.73 -18.34 -5.92
CA THR A 558 27.17 -18.98 -4.73
C THR A 558 25.74 -19.46 -4.96
N ARG A 559 25.16 -19.24 -6.14
CA ARG A 559 23.78 -19.59 -6.44
C ARG A 559 23.55 -19.33 -7.92
N ASP A 560 22.42 -19.85 -8.43
CA ASP A 560 21.96 -19.49 -9.76
C ASP A 560 21.27 -18.13 -9.70
N VAL A 561 21.28 -17.41 -10.83
CA VAL A 561 20.63 -16.10 -10.96
C VAL A 561 19.68 -16.18 -12.14
N TYR A 562 18.39 -16.11 -11.86
CA TYR A 562 17.34 -16.10 -12.87
C TYR A 562 16.94 -14.67 -13.16
N ILE A 563 16.43 -14.44 -14.37
CA ILE A 563 15.86 -13.14 -14.75
C ILE A 563 14.44 -13.36 -15.22
N TYR A 564 13.51 -12.62 -14.63
CA TYR A 564 12.10 -12.79 -14.91
C TYR A 564 11.68 -11.61 -15.78
N MET A 565 11.14 -11.88 -16.96
CA MET A 565 10.83 -10.83 -17.93
C MET A 565 9.40 -11.09 -18.39
N PRO A 566 8.42 -10.49 -17.70
CA PRO A 566 7.02 -10.65 -18.07
C PRO A 566 6.51 -9.59 -19.03
N TYR A 567 5.52 -10.00 -19.81
CA TYR A 567 4.93 -9.09 -20.79
C TYR A 567 4.38 -7.83 -20.13
N ARG A 568 3.72 -7.97 -18.99
CA ARG A 568 3.12 -6.78 -18.36
C ARG A 568 4.13 -5.70 -17.97
N MET A 569 5.44 -5.99 -18.00
CA MET A 569 6.43 -4.95 -17.73
C MET A 569 6.60 -3.99 -18.89
N LEU A 570 6.26 -4.41 -20.11
CA LEU A 570 6.40 -3.58 -21.30
C LEU A 570 5.98 -2.15 -21.04
N ARG A 571 4.75 -1.96 -20.55
CA ARG A 571 4.20 -0.61 -20.49
C ARG A 571 4.87 0.26 -19.42
N ILE A 572 5.57 -0.33 -18.44
CA ILE A 572 6.33 0.52 -17.52
C ILE A 572 7.83 0.50 -17.86
N MET A 573 8.22 -0.02 -19.03
CA MET A 573 9.63 -0.05 -19.37
C MET A 573 10.29 1.31 -19.27
N PRO A 574 9.69 2.40 -19.72
CA PRO A 574 10.40 3.69 -19.59
C PRO A 574 10.66 4.03 -18.13
N VAL A 575 9.69 3.75 -17.25
CA VAL A 575 9.88 4.04 -15.83
C VAL A 575 10.96 3.16 -15.23
N VAL A 576 10.90 1.86 -15.49
CA VAL A 576 12.00 1.01 -15.07
C VAL A 576 13.33 1.58 -15.58
N ALA A 577 13.36 1.91 -16.88
CA ALA A 577 14.61 2.33 -17.47
C ALA A 577 15.15 3.57 -16.79
N GLN A 578 14.24 4.43 -16.32
CA GLN A 578 14.68 5.72 -15.80
C GLN A 578 15.67 5.55 -14.65
N PHE A 579 15.57 4.44 -13.91
CA PHE A 579 16.46 4.32 -12.75
C PHE A 579 17.91 4.13 -13.19
N ALA A 580 18.16 3.27 -14.17
CA ALA A 580 19.58 3.13 -14.55
C ALA A 580 20.02 4.22 -15.52
N ASN A 581 19.07 4.99 -16.05
CA ASN A 581 19.31 6.19 -16.83
C ASN A 581 19.89 7.34 -16.01
N THR A 582 20.19 7.12 -14.74
CA THR A 582 20.59 8.18 -13.83
C THR A 582 22.03 7.94 -13.42
N ASN A 583 22.90 8.90 -13.75
CA ASN A 583 24.31 8.83 -13.43
C ASN A 583 24.47 8.80 -11.91
N PRO A 584 24.91 7.67 -11.33
CA PRO A 584 25.00 7.60 -9.86
C PRO A 584 25.97 8.61 -9.27
N ASP A 585 27.02 8.98 -10.00
CA ASP A 585 27.92 10.05 -9.57
C ASP A 585 27.22 11.41 -9.56
N ASN A 586 26.10 11.52 -10.26
CA ASN A 586 25.46 12.74 -10.71
C ASN A 586 24.08 12.96 -10.15
N GLY A 587 23.27 11.89 -10.08
CA GLY A 587 21.85 12.07 -10.06
C GLY A 587 21.27 12.50 -11.39
N GLU A 588 22.12 12.74 -12.39
CA GLU A 588 21.73 13.36 -13.64
C GLU A 588 21.25 12.33 -14.67
N GLN A 589 20.20 12.70 -15.41
CA GLN A 589 19.67 11.83 -16.47
C GLN A 589 20.60 11.79 -17.67
N GLU A 590 20.71 10.61 -18.28
CA GLU A 590 21.73 10.41 -19.32
C GLU A 590 21.15 10.49 -20.73
N LYS A 591 20.09 9.75 -21.03
CA LYS A 591 19.43 9.75 -22.34
C LYS A 591 17.97 10.16 -22.16
N SER A 592 17.28 10.37 -23.28
CA SER A 592 15.96 11.01 -23.23
C SER A 592 14.81 10.04 -23.06
N LEU A 593 14.98 8.77 -23.44
CA LEU A 593 13.94 7.75 -23.27
C LEU A 593 12.58 7.99 -23.95
N PHE A 594 12.49 7.71 -25.23
CA PHE A 594 11.23 7.73 -25.96
C PHE A 594 10.54 6.38 -25.91
N PHE A 595 9.34 6.34 -25.36
CA PHE A 595 8.66 5.06 -25.21
C PHE A 595 7.17 5.28 -24.98
N SER A 596 6.36 4.41 -25.55
CA SER A 596 4.97 4.27 -25.12
C SER A 596 4.40 3.05 -25.82
N GLN A 597 3.39 2.45 -25.20
CA GLN A 597 2.69 1.31 -25.78
C GLN A 597 1.23 1.67 -25.89
N ALA A 598 0.61 1.38 -27.03
CA ALA A 598 -0.78 1.75 -27.20
C ALA A 598 -1.47 0.78 -28.15
N ASN A 599 -2.80 0.75 -28.07
CA ASN A 599 -3.56 -0.20 -28.87
C ASN A 599 -4.19 0.44 -30.10
N PRO A 600 -4.11 -0.22 -31.25
CA PRO A 600 -4.85 0.28 -32.41
C PRO A 600 -6.32 0.30 -32.08
N LEU A 601 -7.04 1.26 -32.65
CA LEU A 601 -8.47 1.39 -32.43
C LEU A 601 -9.27 0.49 -33.36
N ASP A 602 -9.35 0.88 -34.63
CA ASP A 602 -10.08 0.11 -35.63
C ASP A 602 -9.21 -0.16 -36.85
N GLN A 603 -9.86 -0.32 -38.00
CA GLN A 603 -9.15 -0.59 -39.25
C GLN A 603 -9.80 0.15 -40.42
N GLY A 608 -6.21 3.28 -43.27
CA GLY A 608 -6.27 4.73 -43.31
C GLY A 608 -5.95 5.42 -42.00
N SER A 609 -4.69 5.78 -41.83
CA SER A 609 -4.23 6.49 -40.65
C SER A 609 -4.70 5.79 -39.39
N ILE A 610 -3.75 5.28 -38.62
CA ILE A 610 -4.06 4.58 -37.39
C ILE A 610 -3.88 5.56 -36.25
N THR A 611 -4.71 5.47 -35.21
CA THR A 611 -4.71 6.52 -34.20
C THR A 611 -4.15 6.12 -32.85
N LEU A 612 -4.39 4.90 -32.35
CA LEU A 612 -3.79 4.49 -31.08
C LEU A 612 -4.42 5.28 -29.92
N ASP A 613 -4.37 4.72 -28.71
CA ASP A 613 -4.93 5.39 -27.54
C ASP A 613 -4.34 6.77 -27.33
N ASN A 614 -3.02 6.88 -27.38
CA ASN A 614 -2.35 8.12 -26.97
C ASN A 614 -2.37 9.18 -28.06
N GLY A 615 -3.30 9.11 -29.01
CA GLY A 615 -3.36 10.11 -30.04
C GLY A 615 -2.25 10.04 -31.07
N VAL A 616 -1.38 9.04 -30.98
CA VAL A 616 -0.28 8.93 -31.93
C VAL A 616 -0.83 8.31 -33.20
N GLU A 617 -0.88 9.10 -34.27
CA GLU A 617 -1.29 8.61 -35.57
C GLU A 617 -0.13 7.85 -36.21
N ILE A 618 -0.39 6.61 -36.57
CA ILE A 618 0.57 5.83 -37.35
C ILE A 618 0.27 6.11 -38.82
N SER A 619 1.30 6.38 -39.59
CA SER A 619 1.10 6.70 -40.99
C SER A 619 0.42 5.53 -41.69
N ASN A 620 -0.47 5.84 -42.63
CA ASN A 620 -0.95 4.83 -43.57
C ASN A 620 0.23 4.09 -44.18
N ASP A 621 1.25 4.85 -44.57
CA ASP A 621 2.51 4.31 -45.07
C ASP A 621 3.12 3.29 -44.13
N TYR A 622 2.81 3.37 -42.84
CA TYR A 622 3.61 2.72 -41.81
C TYR A 622 5.06 3.21 -41.89
N ARG A 623 5.21 4.51 -42.09
CA ARG A 623 6.51 5.14 -42.20
C ARG A 623 6.68 6.38 -41.33
N SER A 624 5.63 6.89 -40.68
CA SER A 624 5.75 8.07 -39.83
C SER A 624 4.69 8.02 -38.72
N LEU A 625 4.97 8.75 -37.64
CA LEU A 625 4.04 8.96 -36.53
C LEU A 625 3.54 10.40 -36.50
N LYS A 626 2.51 10.67 -35.68
CA LYS A 626 1.96 12.03 -35.51
C LYS A 626 1.62 12.30 -34.04
N ILE A 627 2.62 12.78 -33.30
CA ILE A 627 2.46 13.15 -31.90
C ILE A 627 2.26 14.65 -31.79
N GLU A 628 1.18 15.08 -31.15
CA GLU A 628 0.95 16.51 -30.89
C GLU A 628 1.05 17.31 -32.18
N GLY A 629 0.44 16.79 -33.25
CA GLY A 629 0.43 17.50 -34.51
C GLY A 629 1.72 17.43 -35.30
N ASN A 630 2.77 16.85 -34.73
CA ASN A 630 4.08 16.78 -35.38
C ASN A 630 4.30 15.38 -35.92
N SER A 631 4.66 15.32 -37.21
CA SER A 631 4.95 14.05 -37.87
C SER A 631 6.45 13.75 -37.77
N ILE A 632 6.76 12.54 -37.30
CA ILE A 632 8.13 12.14 -37.01
C ILE A 632 8.43 10.85 -37.76
N PRO A 633 9.56 10.76 -38.45
CA PRO A 633 9.84 9.59 -39.29
C PRO A 633 10.27 8.39 -38.45
N LEU A 634 9.99 7.20 -38.99
CA LEU A 634 10.35 5.94 -38.36
C LEU A 634 11.64 5.43 -38.99
N LYS A 635 12.50 4.86 -38.17
CA LYS A 635 13.67 4.14 -38.64
C LYS A 635 13.34 2.75 -39.16
N ALA A 636 12.35 2.08 -38.59
CA ALA A 636 12.04 0.70 -38.94
C ALA A 636 10.69 0.33 -38.34
N PHE A 637 9.95 -0.55 -39.04
CA PHE A 637 8.70 -1.11 -38.54
C PHE A 637 8.92 -2.59 -38.30
N VAL A 638 8.91 -3.00 -37.04
CA VAL A 638 9.19 -4.38 -36.68
C VAL A 638 7.85 -5.05 -36.38
N ASP A 639 7.44 -6.00 -37.23
CA ASP A 639 6.15 -6.68 -37.12
C ASP A 639 6.40 -8.08 -36.54
N ILE A 640 6.04 -8.26 -35.26
CA ILE A 640 6.45 -9.42 -34.46
C ILE A 640 5.26 -10.39 -34.38
N GLU A 641 5.41 -11.58 -35.01
CA GLU A 641 4.32 -12.56 -35.01
C GLU A 641 4.47 -13.64 -33.94
N SER A 642 5.65 -13.85 -33.37
CA SER A 642 5.82 -14.87 -32.33
C SER A 642 6.84 -14.37 -31.32
N ILE A 643 6.37 -14.00 -30.13
CA ILE A 643 7.28 -13.56 -29.08
C ILE A 643 8.18 -14.71 -28.64
N THR A 644 7.62 -15.93 -28.60
CA THR A 644 8.35 -17.12 -28.17
C THR A 644 9.28 -17.67 -29.26
N ASN A 645 8.79 -17.78 -30.50
CA ASN A 645 9.61 -18.23 -31.62
C ASN A 645 10.62 -17.19 -32.07
N GLY A 646 10.49 -15.95 -31.59
CA GLY A 646 11.26 -14.88 -32.16
C GLY A 646 11.08 -14.74 -33.67
N LYS A 647 9.86 -14.96 -34.16
CA LYS A 647 9.59 -14.77 -35.58
C LYS A 647 8.99 -13.38 -35.75
N PHE A 648 9.77 -12.49 -36.37
CA PHE A 648 9.40 -11.10 -36.60
C PHE A 648 10.01 -10.62 -37.92
N TYR A 649 9.50 -9.50 -38.40
CA TYR A 649 9.84 -8.95 -39.71
C TYR A 649 10.33 -7.52 -39.54
N TYR A 650 11.63 -7.32 -39.74
CA TYR A 650 12.28 -6.03 -39.57
C TYR A 650 12.19 -5.28 -40.89
N ASN A 651 11.27 -4.31 -40.99
CA ASN A 651 11.11 -3.53 -42.21
C ASN A 651 11.90 -2.23 -42.10
N GLU A 652 12.99 -2.15 -42.88
CA GLU A 652 13.76 -0.93 -43.01
C GLU A 652 12.93 0.21 -43.60
N ILE A 653 13.10 1.41 -43.04
CA ILE A 653 12.44 2.61 -43.56
C ILE A 653 13.43 3.72 -43.84
N ASP A 654 14.19 4.11 -42.81
CA ASP A 654 15.06 5.29 -42.83
C ASP A 654 16.30 5.04 -41.98
N SER A 655 17.43 4.77 -42.62
CA SER A 655 18.65 4.65 -41.82
C SER A 655 18.99 5.94 -41.09
N LYS A 656 18.50 7.10 -41.57
CA LYS A 656 18.86 8.36 -40.93
C LYS A 656 17.96 8.75 -39.74
N ALA A 657 16.85 8.03 -39.48
CA ALA A 657 15.89 8.36 -38.44
C ALA A 657 16.18 7.55 -37.17
N GLN A 658 15.38 7.76 -36.13
CA GLN A 658 15.72 7.17 -34.82
C GLN A 658 14.60 6.49 -34.04
N ILE A 659 13.34 6.50 -34.49
CA ILE A 659 12.25 5.91 -33.72
C ILE A 659 11.77 4.61 -34.36
N TYR A 660 11.54 3.61 -33.52
CA TYR A 660 11.04 2.31 -33.90
C TYR A 660 9.56 2.17 -33.57
N LEU A 661 8.84 1.51 -34.48
CA LEU A 661 7.47 1.07 -34.28
C LEU A 661 7.46 -0.46 -34.26
N LEU A 662 6.87 -1.02 -33.21
CA LEU A 662 6.78 -2.46 -33.03
C LEU A 662 5.31 -2.82 -33.06
N TYR A 663 4.96 -3.86 -33.82
CA TYR A 663 3.61 -4.40 -33.74
C TYR A 663 3.65 -5.77 -33.09
N LEU A 664 2.84 -5.94 -32.05
CA LEU A 664 2.68 -7.19 -31.34
C LEU A 664 1.36 -7.80 -31.80
N ARG A 665 1.49 -8.73 -32.76
CA ARG A 665 0.34 -9.43 -33.31
C ARG A 665 -0.37 -10.22 -32.22
N GLU A 666 0.40 -10.95 -31.43
CA GLU A 666 -0.17 -11.81 -30.40
C GLU A 666 -0.88 -11.03 -29.33
N TYR A 667 -0.73 -9.69 -29.29
CA TYR A 667 -1.46 -8.83 -28.36
C TYR A 667 -2.25 -7.74 -29.06
N LYS A 668 -2.12 -7.62 -30.39
CA LYS A 668 -2.68 -6.53 -31.19
C LYS A 668 -2.36 -5.16 -30.57
N SER A 669 -1.07 -4.94 -30.30
CA SER A 669 -0.61 -3.72 -29.64
C SER A 669 0.59 -3.14 -30.39
N TYR A 670 0.84 -1.85 -30.21
CA TYR A 670 1.97 -1.16 -30.84
C TYR A 670 2.85 -0.55 -29.77
N VAL A 671 4.15 -0.56 -30.05
CA VAL A 671 5.15 0.08 -29.20
C VAL A 671 5.89 1.11 -30.02
N ILE A 672 6.14 2.27 -29.43
CA ILE A 672 6.91 3.35 -30.01
C ILE A 672 8.11 3.56 -29.11
N LEU A 673 9.32 3.32 -29.61
CA LEU A 673 10.48 3.46 -28.72
C LEU A 673 11.68 4.00 -29.49
N ASP A 674 12.74 4.32 -28.75
CA ASP A 674 13.94 4.87 -29.35
C ASP A 674 14.97 3.77 -29.50
N GLU A 675 16.14 4.13 -30.04
CA GLU A 675 17.21 3.15 -30.26
C GLU A 675 17.71 2.58 -28.94
N SER A 676 17.82 3.42 -27.92
CA SER A 676 18.43 2.99 -26.67
C SER A 676 17.59 1.89 -25.99
N LEU A 677 16.27 2.04 -25.99
CA LEU A 677 15.38 1.06 -25.37
C LEU A 677 15.20 -0.19 -26.23
N TYR A 678 15.27 -0.04 -27.56
CA TYR A 678 15.12 -1.18 -28.45
C TYR A 678 16.18 -2.25 -28.19
N ASN A 679 17.40 -1.83 -27.85
CA ASN A 679 18.48 -2.75 -27.61
C ASN A 679 18.52 -3.25 -26.17
N SER A 680 17.64 -2.74 -25.31
CA SER A 680 17.62 -3.18 -23.91
C SER A 680 17.43 -4.69 -23.82
N SER A 681 17.94 -5.26 -22.72
CA SER A 681 17.81 -6.70 -22.51
C SER A 681 16.36 -7.14 -22.60
N TYR A 682 15.44 -6.32 -22.09
CA TYR A 682 14.04 -6.70 -22.09
C TYR A 682 13.48 -6.76 -23.49
N ILE A 683 13.54 -5.66 -24.24
CA ILE A 683 12.92 -5.70 -25.55
C ILE A 683 13.52 -6.80 -26.41
N GLN A 684 14.83 -7.06 -26.28
CA GLN A 684 15.47 -8.06 -27.12
C GLN A 684 15.15 -9.49 -26.70
N MET A 685 15.37 -9.83 -25.42
CA MET A 685 15.17 -11.21 -24.98
C MET A 685 13.70 -11.58 -24.85
N PHE A 686 12.83 -10.63 -24.56
CA PHE A 686 11.42 -10.96 -24.50
C PHE A 686 10.72 -10.85 -25.84
N LEU A 687 10.66 -9.63 -26.39
CA LEU A 687 9.85 -9.42 -27.59
C LEU A 687 10.42 -10.14 -28.81
N LEU A 688 11.73 -10.08 -29.00
CA LEU A 688 12.34 -10.60 -30.20
C LEU A 688 12.98 -11.98 -30.01
N ASN A 689 13.08 -12.45 -28.76
CA ASN A 689 13.64 -13.75 -28.42
C ASN A 689 15.10 -13.89 -28.85
N GLN A 690 15.83 -12.77 -28.91
CA GLN A 690 17.26 -12.73 -29.22
C GLN A 690 18.10 -12.57 -27.96
N TYR A 691 18.80 -13.63 -27.57
CA TYR A 691 19.68 -13.59 -26.42
C TYR A 691 21.01 -14.29 -26.72
N ASP A 692 22.10 -13.77 -26.15
CA ASP A 692 23.41 -14.42 -26.27
C ASP A 692 23.41 -15.75 -25.54
N GLN A 693 23.37 -16.85 -26.30
CA GLN A 693 23.34 -18.15 -25.66
C GLN A 693 24.62 -18.45 -24.88
N ASP A 694 25.70 -17.67 -25.07
CA ASP A 694 26.85 -17.80 -24.18
C ASP A 694 26.61 -17.16 -22.83
N LEU A 695 25.63 -16.26 -22.71
CA LEU A 695 25.42 -15.58 -21.43
C LEU A 695 24.22 -16.10 -20.65
N PHE A 696 23.10 -16.45 -21.30
CA PHE A 696 21.92 -16.91 -20.59
C PHE A 696 21.43 -18.23 -21.18
N GLU A 697 20.76 -19.04 -20.36
CA GLU A 697 19.96 -20.18 -20.80
C GLU A 697 18.48 -19.87 -20.67
N GLN A 698 17.68 -20.19 -21.70
CA GLN A 698 16.24 -19.97 -21.59
C GLN A 698 15.61 -21.08 -20.74
N ILE A 699 14.92 -20.68 -19.68
CA ILE A 699 14.31 -21.63 -18.74
C ILE A 699 12.83 -21.79 -18.99
N THR A 700 12.10 -20.68 -19.10
CA THR A 700 10.70 -20.67 -19.51
C THR A 700 10.51 -19.71 -20.68
N ASN A 701 9.87 -20.18 -21.75
CA ASN A 701 9.57 -19.37 -22.93
C ASN A 701 8.05 -19.32 -23.21
N ASP A 702 7.37 -18.25 -22.77
CA ASP A 702 5.94 -18.11 -23.04
C ASP A 702 5.65 -16.70 -23.56
N THR A 703 4.59 -16.60 -24.38
CA THR A 703 4.10 -15.30 -24.83
C THR A 703 3.86 -14.31 -23.70
N ARG A 704 3.64 -14.79 -22.48
CA ARG A 704 3.37 -13.92 -21.34
C ARG A 704 4.59 -13.72 -20.45
N ALA A 705 5.65 -14.51 -20.62
CA ALA A 705 6.80 -14.32 -19.76
C ALA A 705 7.97 -15.21 -20.12
N LYS A 706 9.18 -14.73 -19.87
CA LYS A 706 10.35 -15.53 -20.12
C LYS A 706 11.19 -15.53 -18.85
N ILE A 707 11.76 -16.69 -18.54
CA ILE A 707 12.68 -16.82 -17.41
C ILE A 707 13.99 -17.32 -17.99
N TYR A 708 15.05 -16.58 -17.75
CA TYR A 708 16.41 -16.92 -18.16
C TYR A 708 17.27 -17.23 -16.93
N ARG A 709 18.34 -18.02 -17.13
CA ARG A 709 19.31 -18.29 -16.08
C ARG A 709 20.71 -17.87 -16.52
N LEU A 710 21.47 -17.30 -15.59
CA LEU A 710 22.86 -17.00 -15.89
C LEU A 710 23.67 -18.29 -15.98
N LYS A 711 24.92 -18.15 -16.43
CA LYS A 711 25.92 -19.21 -16.39
C LYS A 711 27.32 -18.68 -16.61
N GLY B 1 -5.09 2.22 -8.44
CA GLY B 1 -4.86 3.35 -7.55
C GLY B 1 -4.07 2.99 -6.29
N ASP B 2 -4.69 2.17 -5.43
CA ASP B 2 -4.08 1.79 -4.16
C ASP B 2 -3.25 0.50 -4.29
N GLN B 3 -2.12 0.63 -4.98
CA GLN B 3 -1.15 -0.46 -5.11
C GLN B 3 0.24 0.03 -4.82
N ALA B 5 2.84 -0.53 -6.32
CA ALA B 5 3.41 -0.91 -7.60
C ALA B 5 3.84 0.35 -8.34
N THR B 6 4.42 0.14 -9.52
CA THR B 6 4.97 1.23 -10.31
C THR B 6 3.91 1.79 -11.27
N GLY B 8 3.44 5.38 -14.29
CA GLY B 8 4.07 6.49 -15.01
C GLY B 8 4.10 6.30 -16.51
#